data_4RAQ
#
_entry.id   4RAQ
#
_cell.length_a   76.328
_cell.length_b   92.605
_cell.length_c   115.013
_cell.angle_alpha   90.00
_cell.angle_beta   90.00
_cell.angle_gamma   90.00
#
_symmetry.space_group_name_H-M   'P 21 21 21'
#
loop_
_entity.id
_entity.type
_entity.pdbx_description
1 polymer 'Hypoxanthine-guanine phosphoribosyltransferase'
2 non-polymer '[(2-{[2-(6-oxo-1,6-dihydro-9H-purin-9-yl)ethyl](2-phosphonoethyl)amino}ethoxy)methyl]phosphonic acid'
3 non-polymer 'MAGNESIUM ION'
4 water water
#
_entity_poly.entity_id   1
_entity_poly.type   'polypeptide(L)'
_entity_poly.pdbx_seq_one_letter_code
;ATRSPGVVISDDEPGYDLDLFCIPNHYAEDLERVFIPHGLIMDRTERLARDVMKEMGGHHIVALCVLKGGYKFFADLLDY
IKALNRNSDRSIPMTVDFIRLKSYCNDQSTGDIKVIGGDDLSTLTGKNVLIVEDIIDTGKTMQTLLSLVRQYNPKMVKVA
SLLVKRTPRSVGYKPDFVGFEIPDKFVVGYALDYNEYFRDLNHVCVISETGKAKYKA
;
_entity_poly.pdbx_strand_id   A,B,C,D
#
loop_
_chem_comp.id
_chem_comp.type
_chem_comp.name
_chem_comp.formula
3L8 non-polymer '[(2-{[2-(6-oxo-1,6-dihydro-9H-purin-9-yl)ethyl](2-phosphonoethyl)amino}ethoxy)methyl]phosphonic acid' 'C12 H21 N5 O8 P2'
MG non-polymer 'MAGNESIUM ION' 'Mg 2'
#
# COMPACT_ATOMS: atom_id res chain seq x y z
N SER A 4 8.45 -24.48 -11.07
CA SER A 4 8.44 -23.17 -11.70
C SER A 4 9.75 -22.39 -11.55
N PRO A 5 10.21 -21.76 -12.64
CA PRO A 5 11.45 -21.01 -12.71
C PRO A 5 11.26 -19.54 -12.33
N GLY A 6 10.00 -19.13 -12.19
CA GLY A 6 9.68 -17.75 -11.86
C GLY A 6 9.63 -16.85 -13.07
N VAL A 7 9.44 -15.56 -12.85
CA VAL A 7 9.40 -14.63 -13.96
C VAL A 7 10.76 -14.59 -14.65
N VAL A 8 10.80 -15.06 -15.89
CA VAL A 8 12.04 -15.03 -16.66
C VAL A 8 12.30 -13.67 -17.33
N ILE A 9 13.48 -13.11 -17.07
CA ILE A 9 13.93 -11.89 -17.71
C ILE A 9 15.05 -12.26 -18.68
N SER A 10 14.92 -11.85 -19.94
CA SER A 10 15.82 -12.35 -20.96
C SER A 10 17.12 -11.55 -20.99
N ASP A 11 18.14 -12.11 -21.61
CA ASP A 11 19.42 -11.43 -21.69
C ASP A 11 19.34 -10.14 -22.53
N ASP A 12 18.20 -9.91 -23.16
CA ASP A 12 18.04 -8.78 -24.07
C ASP A 12 17.04 -7.74 -23.59
N GLU A 13 16.32 -8.04 -22.52
CA GLU A 13 15.41 -7.06 -21.93
C GLU A 13 16.14 -5.76 -21.61
N PRO A 14 15.64 -4.65 -22.17
CA PRO A 14 16.22 -3.31 -21.99
C PRO A 14 15.82 -2.60 -20.69
N GLY A 15 15.03 -3.26 -19.84
CA GLY A 15 14.51 -2.58 -18.67
C GLY A 15 13.70 -1.35 -19.06
N TYR A 16 13.74 -0.31 -18.24
CA TYR A 16 12.92 0.88 -18.46
C TYR A 16 13.71 2.17 -18.34
N ASP A 17 13.32 3.15 -19.15
CA ASP A 17 13.89 4.49 -19.10
C ASP A 17 13.65 5.11 -17.74
N LEU A 18 14.71 5.64 -17.13
CA LEU A 18 14.64 6.15 -15.75
C LEU A 18 13.68 7.33 -15.59
N ASP A 19 13.45 8.07 -16.67
CA ASP A 19 12.60 9.26 -16.64
C ASP A 19 11.13 8.92 -16.48
N LEU A 20 10.76 7.68 -16.76
CA LEU A 20 9.38 7.26 -16.64
C LEU A 20 9.02 6.99 -15.19
N PHE A 21 10.02 6.90 -14.32
CA PHE A 21 9.77 6.54 -12.93
C PHE A 21 10.23 7.59 -11.91
N CYS A 22 9.79 7.40 -10.67
CA CYS A 22 10.29 8.21 -9.58
C CYS A 22 11.52 7.52 -9.02
N ILE A 23 12.66 8.21 -9.09
CA ILE A 23 13.93 7.64 -8.68
C ILE A 23 14.64 8.60 -7.73
N PRO A 24 15.27 8.08 -6.66
CA PRO A 24 15.97 8.93 -5.69
C PRO A 24 16.95 9.83 -6.41
N ASN A 25 16.88 11.14 -6.15
CA ASN A 25 17.67 12.10 -6.91
C ASN A 25 19.16 11.89 -6.78
N HIS A 26 19.60 11.31 -5.66
CA HIS A 26 21.01 11.07 -5.45
C HIS A 26 21.54 9.89 -6.25
N TYR A 27 20.64 9.17 -6.92
CA TYR A 27 21.03 8.05 -7.77
C TYR A 27 20.81 8.27 -9.27
N ALA A 28 20.58 9.53 -9.67
CA ALA A 28 20.22 9.88 -11.05
C ALA A 28 21.23 9.41 -12.09
N GLU A 29 22.50 9.71 -11.84
CA GLU A 29 23.58 9.42 -12.78
C GLU A 29 24.21 8.05 -12.58
N ASP A 30 23.82 7.35 -11.51
CA ASP A 30 24.51 6.13 -11.12
C ASP A 30 23.83 4.86 -11.67
N LEU A 31 22.60 5.01 -12.15
CA LEU A 31 21.85 3.87 -12.66
C LEU A 31 21.66 3.98 -14.17
N GLU A 32 21.62 2.83 -14.85
CA GLU A 32 21.45 2.81 -16.30
C GLU A 32 19.98 2.72 -16.70
N ARG A 33 19.27 1.75 -16.13
CA ARG A 33 17.83 1.58 -16.38
C ARG A 33 17.15 1.03 -15.13
N VAL A 34 15.83 1.21 -15.04
CA VAL A 34 15.02 0.44 -14.09
C VAL A 34 14.89 -0.96 -14.66
N PHE A 35 15.34 -1.97 -13.91
CA PHE A 35 15.37 -3.33 -14.44
C PHE A 35 14.13 -4.12 -14.09
N ILE A 36 13.82 -4.18 -12.79
CA ILE A 36 12.59 -4.77 -12.33
C ILE A 36 11.88 -3.77 -11.44
N PRO A 37 10.79 -3.17 -11.96
CA PRO A 37 10.01 -2.16 -11.23
C PRO A 37 9.53 -2.68 -9.90
N HIS A 38 9.59 -1.85 -8.87
CA HIS A 38 9.13 -2.22 -7.53
C HIS A 38 7.80 -2.95 -7.53
N GLY A 39 6.83 -2.36 -8.22
CA GLY A 39 5.48 -2.87 -8.23
C GLY A 39 5.39 -4.27 -8.80
N LEU A 40 6.31 -4.60 -9.70
CA LEU A 40 6.39 -5.95 -10.26
C LEU A 40 6.91 -6.90 -9.21
N ILE A 41 7.87 -6.42 -8.44
CA ILE A 41 8.40 -7.20 -7.33
C ILE A 41 7.22 -7.53 -6.42
N MET A 42 6.44 -6.52 -6.06
CA MET A 42 5.28 -6.76 -5.21
C MET A 42 4.34 -7.82 -5.79
N ASP A 43 3.89 -7.63 -7.02
CA ASP A 43 2.92 -8.53 -7.62
C ASP A 43 3.40 -9.97 -7.63
N ARG A 44 4.67 -10.16 -7.96
CA ARG A 44 5.30 -11.47 -7.98
C ARG A 44 5.45 -12.02 -6.56
N THR A 45 5.76 -11.13 -5.63
CA THR A 45 5.89 -11.50 -4.24
C THR A 45 4.56 -11.98 -3.66
N GLU A 46 3.48 -11.29 -4.05
CA GLU A 46 2.14 -11.64 -3.58
C GLU A 46 1.81 -13.08 -3.93
N ARG A 47 2.04 -13.45 -5.18
CA ARG A 47 1.82 -14.81 -5.62
C ARG A 47 2.73 -15.78 -4.87
N LEU A 48 4.02 -15.46 -4.84
CA LEU A 48 5.02 -16.26 -4.09
C LEU A 48 4.54 -16.62 -2.70
N ALA A 49 3.98 -15.63 -1.99
CA ALA A 49 3.46 -15.86 -0.65
C ALA A 49 2.35 -16.88 -0.65
N ARG A 50 1.53 -16.86 -1.69
CA ARG A 50 0.42 -17.80 -1.78
C ARG A 50 0.98 -19.18 -2.09
N ASP A 51 2.02 -19.20 -2.93
CA ASP A 51 2.67 -20.44 -3.29
C ASP A 51 3.33 -21.03 -2.06
N VAL A 52 4.04 -20.17 -1.32
CA VAL A 52 4.66 -20.57 -0.07
C VAL A 52 3.60 -21.16 0.85
N MET A 53 2.50 -20.44 1.04
CA MET A 53 1.50 -20.87 1.99
C MET A 53 0.87 -22.21 1.62
N LYS A 54 0.99 -22.60 0.36
CA LYS A 54 0.47 -23.88 -0.05
C LYS A 54 1.38 -25.01 0.45
N GLU A 55 2.68 -24.84 0.31
CA GLU A 55 3.61 -25.92 0.62
C GLU A 55 3.90 -25.99 2.12
N MET A 56 3.83 -24.85 2.78
CA MET A 56 4.42 -24.74 4.11
C MET A 56 3.43 -24.43 5.23
N GLY A 57 2.19 -24.11 4.86
CA GLY A 57 1.17 -23.90 5.87
C GLY A 57 0.93 -25.19 6.61
N GLY A 58 0.12 -25.14 7.65
CA GLY A 58 -0.27 -26.38 8.30
C GLY A 58 0.78 -26.83 9.28
N HIS A 59 1.85 -26.05 9.37
CA HIS A 59 2.78 -26.20 10.47
C HIS A 59 3.51 -24.90 10.71
N HIS A 60 3.79 -24.60 11.98
CA HIS A 60 4.59 -23.46 12.37
C HIS A 60 5.75 -23.25 11.41
N ILE A 61 5.78 -22.07 10.79
CA ILE A 61 6.88 -21.69 9.93
C ILE A 61 7.82 -20.74 10.66
N VAL A 62 9.11 -21.04 10.62
CA VAL A 62 10.14 -20.08 11.04
C VAL A 62 10.65 -19.40 9.78
N ALA A 63 10.39 -18.10 9.66
CA ALA A 63 10.93 -17.33 8.55
C ALA A 63 12.30 -16.80 8.94
N LEU A 64 13.27 -17.10 8.10
CA LEU A 64 14.65 -16.83 8.39
C LEU A 64 15.19 -15.86 7.34
N CYS A 65 15.29 -14.58 7.71
CA CYS A 65 15.82 -13.57 6.80
C CYS A 65 17.35 -13.67 6.67
N VAL A 66 17.83 -13.63 5.44
CA VAL A 66 19.27 -13.61 5.20
C VAL A 66 19.72 -12.16 4.98
N LEU A 67 20.38 -11.61 6.00
CA LEU A 67 20.88 -10.24 5.97
C LEU A 67 22.04 -10.06 4.98
N LYS A 68 22.17 -8.87 4.39
CA LYS A 68 21.25 -7.76 4.62
C LYS A 68 20.32 -7.62 3.44
N GLY A 69 20.78 -8.11 2.28
CA GLY A 69 20.07 -8.00 1.03
C GLY A 69 18.71 -8.65 1.08
N GLY A 70 18.56 -9.66 1.92
CA GLY A 70 17.30 -10.38 1.99
C GLY A 70 16.22 -9.66 2.78
N TYR A 71 16.52 -8.50 3.35
CA TYR A 71 15.59 -7.93 4.33
C TYR A 71 14.35 -7.29 3.68
N LYS A 72 14.48 -6.75 2.47
CA LYS A 72 13.32 -6.11 1.86
C LYS A 72 12.34 -7.18 1.38
N PHE A 73 12.87 -8.14 0.65
CA PHE A 73 12.07 -9.29 0.22
C PHE A 73 11.39 -9.95 1.39
N PHE A 74 12.18 -10.21 2.44
CA PHE A 74 11.69 -10.86 3.65
C PHE A 74 10.51 -10.12 4.22
N ALA A 75 10.62 -8.80 4.31
CA ALA A 75 9.59 -8.00 4.98
C ALA A 75 8.33 -7.99 4.13
N ASP A 76 8.50 -7.67 2.86
CA ASP A 76 7.40 -7.69 1.91
C ASP A 76 6.75 -9.06 1.83
N LEU A 77 7.56 -10.11 1.61
CA LEU A 77 7.01 -11.47 1.46
C LEU A 77 6.17 -11.82 2.65
N LEU A 78 6.63 -11.42 3.84
CA LEU A 78 5.97 -11.79 5.09
C LEU A 78 4.73 -10.97 5.38
N ASP A 79 4.67 -9.76 4.80
CA ASP A 79 3.49 -8.95 4.97
C ASP A 79 2.38 -9.56 4.16
N TYR A 80 2.74 -10.03 2.97
CA TYR A 80 1.80 -10.72 2.11
C TYR A 80 1.31 -12.01 2.76
N ILE A 81 2.24 -12.85 3.23
CA ILE A 81 1.86 -14.02 4.05
C ILE A 81 0.90 -13.70 5.21
N LYS A 82 1.23 -12.71 6.02
CA LYS A 82 0.36 -12.33 7.13
C LYS A 82 -0.99 -11.83 6.62
N ALA A 83 -0.98 -11.17 5.46
CA ALA A 83 -2.24 -10.70 4.85
C ALA A 83 -3.15 -11.89 4.62
N LEU A 84 -2.57 -12.97 4.09
CA LEU A 84 -3.27 -14.25 3.97
C LEU A 84 -3.70 -14.82 5.33
N ASN A 85 -2.74 -15.01 6.23
CA ASN A 85 -3.05 -15.64 7.50
C ASN A 85 -4.16 -14.96 8.32
N ARG A 86 -4.43 -13.68 8.08
CA ARG A 86 -5.49 -13.03 8.84
C ARG A 86 -6.79 -12.88 8.05
N ASN A 87 -6.84 -13.48 6.87
CA ASN A 87 -8.08 -13.51 6.09
C ASN A 87 -8.42 -14.93 5.59
N SER A 88 -8.39 -15.91 6.50
CA SER A 88 -8.57 -17.32 6.16
C SER A 88 -8.98 -18.12 7.38
N ASP A 89 -9.92 -19.06 7.20
CA ASP A 89 -10.56 -19.83 8.27
C ASP A 89 -9.62 -20.29 9.37
N ARG A 90 -8.58 -21.01 9.00
CA ARG A 90 -7.53 -21.38 9.93
C ARG A 90 -6.24 -20.75 9.44
N SER A 91 -5.32 -20.50 10.37
CA SER A 91 -4.02 -19.94 10.04
C SER A 91 -2.95 -20.58 10.92
N ILE A 92 -1.69 -20.32 10.56
CA ILE A 92 -0.56 -20.96 11.24
C ILE A 92 0.42 -19.95 11.86
N PRO A 93 0.83 -20.23 13.11
CA PRO A 93 1.80 -19.41 13.83
C PRO A 93 3.09 -19.25 13.06
N MET A 94 3.76 -18.10 13.19
CA MET A 94 5.00 -17.83 12.48
C MET A 94 6.01 -17.01 13.30
N THR A 95 7.24 -17.51 13.39
CA THR A 95 8.27 -16.80 14.11
C THR A 95 9.34 -16.37 13.14
N VAL A 96 10.01 -15.26 13.45
CA VAL A 96 11.05 -14.76 12.56
C VAL A 96 12.41 -14.84 13.25
N ASP A 97 13.46 -14.81 12.45
CA ASP A 97 14.83 -14.86 12.96
C ASP A 97 15.73 -14.36 11.83
N PHE A 98 16.97 -14.03 12.16
CA PHE A 98 17.85 -13.39 11.20
C PHE A 98 19.25 -13.98 11.19
N ILE A 99 19.86 -14.01 10.01
CA ILE A 99 21.20 -14.53 9.88
C ILE A 99 21.95 -13.71 8.87
N ARG A 100 23.27 -13.79 8.98
CA ARG A 100 24.18 -13.10 8.10
C ARG A 100 25.28 -14.09 7.82
N LEU A 101 25.77 -14.08 6.59
CA LEU A 101 26.85 -15.00 6.23
C LEU A 101 28.07 -14.21 5.83
N LYS A 102 29.12 -14.28 6.64
CA LYS A 102 30.34 -13.56 6.28
C LYS A 102 31.37 -14.47 5.62
N SER A 103 32.26 -13.85 4.84
CA SER A 103 33.23 -14.58 4.06
C SER A 103 34.61 -13.95 4.19
N ASP A 120 21.97 -19.92 18.10
CA ASP A 120 20.57 -19.85 18.54
C ASP A 120 19.64 -20.42 17.48
N LEU A 121 19.80 -21.70 17.15
CA LEU A 121 19.10 -22.31 16.02
C LEU A 121 18.38 -23.60 16.35
N SER A 122 18.46 -24.03 17.61
CA SER A 122 17.65 -25.15 18.08
C SER A 122 16.16 -24.75 18.03
N THR A 123 15.95 -23.45 17.80
CA THR A 123 14.63 -22.88 17.60
C THR A 123 14.06 -23.28 16.25
N LEU A 124 14.88 -23.98 15.47
CA LEU A 124 14.50 -24.46 14.13
C LEU A 124 14.00 -25.90 14.19
N THR A 125 14.36 -26.64 15.23
CA THR A 125 14.04 -28.06 15.26
C THR A 125 12.54 -28.32 15.24
N GLY A 126 12.12 -29.19 14.31
CA GLY A 126 10.73 -29.62 14.25
C GLY A 126 9.82 -28.69 13.50
N LYS A 127 10.34 -27.50 13.14
CA LYS A 127 9.53 -26.49 12.45
C LYS A 127 9.74 -26.54 10.96
N ASN A 128 8.93 -25.76 10.25
CA ASN A 128 9.13 -25.53 8.83
C ASN A 128 9.96 -24.28 8.65
N VAL A 129 11.19 -24.44 8.18
CA VAL A 129 12.05 -23.30 7.97
C VAL A 129 11.91 -22.74 6.56
N LEU A 130 11.75 -21.43 6.46
CA LEU A 130 11.63 -20.75 5.19
C LEU A 130 12.68 -19.67 5.13
N ILE A 131 13.82 -20.02 4.55
CA ILE A 131 14.94 -19.12 4.33
C ILE A 131 14.60 -18.12 3.24
N VAL A 132 14.79 -16.84 3.52
CA VAL A 132 14.46 -15.78 2.57
C VAL A 132 15.74 -15.08 2.14
N GLU A 133 16.01 -15.11 0.84
CA GLU A 133 17.26 -14.59 0.28
C GLU A 133 17.00 -13.60 -0.88
N ASP A 134 17.92 -12.65 -1.07
CA ASP A 134 17.81 -11.63 -2.12
C ASP A 134 18.13 -12.16 -3.51
N ILE A 135 19.32 -12.72 -3.68
CA ILE A 135 19.75 -13.23 -4.97
C ILE A 135 20.57 -14.48 -4.77
N ILE A 136 20.46 -15.42 -5.71
CA ILE A 136 21.31 -16.60 -5.71
C ILE A 136 22.14 -16.59 -6.99
N ASP A 137 23.42 -16.93 -6.88
CA ASP A 137 24.32 -16.77 -8.01
C ASP A 137 25.11 -18.05 -8.29
N THR A 138 26.21 -18.24 -7.59
CA THR A 138 26.90 -19.51 -7.70
C THR A 138 26.15 -20.50 -6.82
N GLY A 139 25.43 -19.96 -5.85
CA GLY A 139 24.72 -20.80 -4.90
C GLY A 139 25.61 -21.36 -3.81
N LYS A 140 26.87 -20.93 -3.76
CA LYS A 140 27.74 -21.35 -2.66
C LYS A 140 27.11 -20.92 -1.35
N THR A 141 26.60 -19.69 -1.32
CA THR A 141 26.10 -19.10 -0.09
C THR A 141 25.00 -19.93 0.54
N MET A 142 24.06 -20.37 -0.29
CA MET A 142 22.86 -20.97 0.23
C MET A 142 23.11 -22.40 0.64
N GLN A 143 23.99 -23.07 -0.09
CA GLN A 143 24.32 -24.46 0.21
C GLN A 143 25.05 -24.57 1.54
N THR A 144 25.75 -23.49 1.87
CA THR A 144 26.47 -23.43 3.12
C THR A 144 25.47 -23.25 4.23
N LEU A 145 24.46 -22.41 4.00
CA LEU A 145 23.44 -22.20 5.00
C LEU A 145 22.64 -23.48 5.24
N LEU A 146 22.24 -24.13 4.14
CA LEU A 146 21.43 -25.34 4.21
C LEU A 146 22.14 -26.46 4.96
N SER A 147 23.45 -26.57 4.73
CA SER A 147 24.30 -27.53 5.44
C SER A 147 24.11 -27.37 6.94
N LEU A 148 24.05 -26.11 7.37
CA LEU A 148 24.05 -25.77 8.78
C LEU A 148 22.65 -25.92 9.37
N VAL A 149 21.70 -25.25 8.74
CA VAL A 149 20.30 -25.38 9.11
C VAL A 149 19.83 -26.83 9.28
N ARG A 150 20.21 -27.70 8.37
CA ARG A 150 19.71 -29.08 8.38
C ARG A 150 20.18 -29.92 9.58
N GLN A 151 21.29 -29.48 10.18
CA GLN A 151 21.84 -30.15 11.36
C GLN A 151 20.88 -30.02 12.53
N TYR A 152 20.02 -29.00 12.48
CA TYR A 152 19.12 -28.69 13.60
C TYR A 152 17.78 -29.38 13.46
N ASN A 153 17.71 -30.34 12.54
CA ASN A 153 16.51 -31.14 12.34
C ASN A 153 15.24 -30.33 12.22
N PRO A 154 15.16 -29.46 11.20
CA PRO A 154 13.87 -28.88 10.87
C PRO A 154 12.99 -29.98 10.28
N LYS A 155 11.68 -29.83 10.42
CA LYS A 155 10.72 -30.70 9.77
C LYS A 155 10.82 -30.52 8.26
N MET A 156 11.11 -29.30 7.84
CA MET A 156 11.13 -28.92 6.43
C MET A 156 12.05 -27.72 6.24
N VAL A 157 12.67 -27.62 5.07
CA VAL A 157 13.39 -26.39 4.69
C VAL A 157 13.15 -26.02 3.23
N LYS A 158 12.62 -24.82 3.03
CA LYS A 158 12.46 -24.28 1.70
C LYS A 158 13.16 -22.93 1.61
N VAL A 159 13.72 -22.63 0.45
CA VAL A 159 14.34 -21.34 0.22
C VAL A 159 13.56 -20.53 -0.81
N ALA A 160 13.23 -19.29 -0.46
CA ALA A 160 12.67 -18.35 -1.40
C ALA A 160 13.72 -17.31 -1.70
N SER A 161 14.05 -17.14 -2.98
CA SER A 161 14.96 -16.09 -3.39
C SER A 161 14.29 -15.24 -4.45
N LEU A 162 14.31 -13.93 -4.25
CA LEU A 162 13.74 -12.97 -5.18
C LEU A 162 14.35 -13.16 -6.55
N LEU A 163 15.67 -13.29 -6.57
CA LEU A 163 16.40 -13.36 -7.81
C LEU A 163 17.23 -14.63 -7.91
N VAL A 164 17.31 -15.16 -9.13
CA VAL A 164 18.21 -16.24 -9.46
C VAL A 164 18.91 -15.85 -10.75
N LYS A 165 20.23 -15.77 -10.69
CA LYS A 165 21.05 -15.41 -11.85
C LYS A 165 21.38 -16.63 -12.71
N ARG A 166 21.00 -16.58 -13.99
CA ARG A 166 21.53 -17.55 -14.95
C ARG A 166 23.03 -17.27 -15.06
N THR A 167 23.85 -18.22 -14.61
CA THR A 167 25.29 -18.01 -14.65
C THR A 167 25.98 -19.35 -14.80
N PRO A 168 27.03 -19.38 -15.64
CA PRO A 168 27.86 -20.57 -15.83
C PRO A 168 28.65 -20.92 -14.57
N ARG A 169 28.63 -20.04 -13.59
CA ARG A 169 29.35 -20.26 -12.34
C ARG A 169 28.48 -20.93 -11.29
N SER A 170 27.18 -21.07 -11.57
CA SER A 170 26.25 -21.70 -10.65
C SER A 170 26.64 -23.16 -10.40
N VAL A 171 26.77 -23.53 -9.13
CA VAL A 171 27.14 -24.91 -8.79
C VAL A 171 25.97 -25.85 -9.03
N GLY A 172 24.80 -25.29 -9.29
CA GLY A 172 23.64 -26.10 -9.59
C GLY A 172 22.61 -26.13 -8.48
N TYR A 173 22.56 -25.08 -7.67
CA TYR A 173 21.51 -24.97 -6.66
C TYR A 173 20.33 -24.19 -7.18
N LYS A 174 19.13 -24.70 -6.93
CA LYS A 174 17.91 -24.01 -7.30
C LYS A 174 17.00 -23.85 -6.11
N PRO A 175 16.50 -22.64 -5.88
CA PRO A 175 15.64 -22.40 -4.72
C PRO A 175 14.30 -23.09 -4.91
N ASP A 176 13.55 -23.21 -3.83
CA ASP A 176 12.22 -23.77 -3.89
C ASP A 176 11.22 -22.74 -4.38
N PHE A 177 11.58 -21.47 -4.22
CA PHE A 177 10.73 -20.38 -4.65
C PHE A 177 11.53 -19.28 -5.30
N VAL A 178 11.18 -18.95 -6.54
CA VAL A 178 11.88 -17.93 -7.31
C VAL A 178 10.95 -16.79 -7.74
N GLY A 179 11.40 -15.56 -7.56
CA GLY A 179 10.64 -14.42 -8.02
C GLY A 179 10.94 -14.18 -9.48
N PHE A 180 12.21 -13.91 -9.77
CA PHE A 180 12.66 -13.60 -11.12
C PHE A 180 13.92 -14.37 -11.48
N GLU A 181 13.97 -14.89 -12.69
CA GLU A 181 15.23 -15.38 -13.22
C GLU A 181 15.85 -14.32 -14.12
N ILE A 182 17.05 -13.89 -13.80
CA ILE A 182 17.66 -12.77 -14.48
C ILE A 182 18.99 -13.13 -15.12
N PRO A 183 19.41 -12.35 -16.12
CA PRO A 183 20.73 -12.55 -16.73
C PRO A 183 21.91 -12.29 -15.76
N ASP A 184 23.12 -12.58 -16.24
CA ASP A 184 24.35 -12.44 -15.48
C ASP A 184 24.80 -10.97 -15.32
N LYS A 185 23.84 -10.04 -15.28
CA LYS A 185 24.16 -8.62 -15.16
C LYS A 185 24.16 -8.20 -13.69
N PHE A 186 25.02 -7.25 -13.33
CA PHE A 186 25.05 -6.80 -11.94
C PHE A 186 23.95 -5.79 -11.64
N VAL A 187 23.03 -6.19 -10.77
CA VAL A 187 21.85 -5.38 -10.48
C VAL A 187 21.87 -4.90 -9.03
N VAL A 188 21.20 -3.80 -8.75
CA VAL A 188 21.11 -3.27 -7.40
C VAL A 188 19.71 -2.76 -7.12
N GLY A 189 19.42 -2.47 -5.86
CA GLY A 189 18.14 -1.91 -5.48
C GLY A 189 17.27 -2.95 -4.80
N TYR A 190 16.20 -2.50 -4.15
CA TYR A 190 15.35 -3.39 -3.36
C TYR A 190 16.22 -4.20 -2.40
N ALA A 191 17.05 -3.48 -1.64
CA ALA A 191 17.98 -4.03 -0.64
C ALA A 191 19.28 -4.63 -1.18
N LEU A 192 19.37 -4.84 -2.50
CA LEU A 192 20.62 -5.31 -3.09
C LEU A 192 21.62 -4.17 -3.29
N ASP A 193 22.85 -4.38 -2.83
CA ASP A 193 23.84 -3.34 -2.82
C ASP A 193 24.99 -3.49 -3.80
N TYR A 194 25.68 -2.37 -4.02
CA TYR A 194 27.01 -2.38 -4.60
C TYR A 194 27.87 -1.58 -3.65
N ASN A 195 28.76 -2.26 -2.94
CA ASN A 195 29.59 -1.64 -1.91
C ASN A 195 28.75 -0.87 -0.88
N GLU A 196 27.67 -1.50 -0.45
CA GLU A 196 26.73 -0.99 0.55
C GLU A 196 25.75 0.06 0.06
N TYR A 197 25.84 0.40 -1.22
CA TYR A 197 24.98 1.44 -1.77
C TYR A 197 23.79 0.85 -2.52
N PHE A 198 22.80 1.69 -2.78
CA PHE A 198 21.58 1.33 -3.52
C PHE A 198 20.64 0.43 -2.73
N ARG A 199 20.90 0.27 -1.45
CA ARG A 199 19.97 -0.50 -0.64
C ARG A 199 18.71 0.30 -0.50
N ASP A 200 18.86 1.62 -0.47
CA ASP A 200 17.75 2.56 -0.31
C ASP A 200 17.08 2.91 -1.63
N LEU A 201 16.58 1.92 -2.34
CA LEU A 201 16.01 2.15 -3.66
C LEU A 201 15.10 0.97 -3.94
N ASN A 202 13.83 1.24 -4.23
CA ASN A 202 12.84 0.16 -4.26
C ASN A 202 12.73 -0.59 -5.59
N HIS A 203 13.25 0.00 -6.67
CA HIS A 203 13.32 -0.70 -7.95
C HIS A 203 14.60 -1.52 -8.01
N VAL A 204 14.58 -2.62 -8.76
CA VAL A 204 15.84 -3.25 -9.11
C VAL A 204 16.32 -2.62 -10.40
N CYS A 205 17.59 -2.26 -10.45
CA CYS A 205 18.08 -1.48 -11.56
C CYS A 205 19.49 -1.90 -11.91
N VAL A 206 19.88 -1.59 -13.13
CA VAL A 206 21.25 -1.80 -13.55
C VAL A 206 22.07 -0.56 -13.24
N ILE A 207 23.21 -0.78 -12.59
CA ILE A 207 24.09 0.29 -12.20
C ILE A 207 24.95 0.69 -13.40
N SER A 208 25.02 1.99 -13.68
CA SER A 208 25.79 2.50 -14.80
C SER A 208 27.28 2.50 -14.48
N GLU A 209 28.10 2.71 -15.51
CA GLU A 209 29.55 2.77 -15.33
C GLU A 209 29.93 4.05 -14.62
N THR A 210 29.24 5.14 -14.94
CA THR A 210 29.51 6.43 -14.32
C THR A 210 29.05 6.49 -12.87
N GLY A 211 28.76 5.33 -12.29
CA GLY A 211 28.37 5.23 -10.90
C GLY A 211 28.96 3.97 -10.29
N LYS A 212 29.33 3.03 -11.16
CA LYS A 212 29.96 1.79 -10.70
C LYS A 212 31.37 2.10 -10.22
N ALA A 213 31.97 3.12 -10.81
CA ALA A 213 33.31 3.52 -10.42
C ALA A 213 33.25 4.56 -9.32
N LYS A 214 32.09 5.21 -9.19
CA LYS A 214 31.89 6.25 -8.20
C LYS A 214 31.79 5.62 -6.81
N TYR A 215 31.13 4.48 -6.71
CA TYR A 215 31.01 3.77 -5.43
C TYR A 215 32.03 2.65 -5.32
N LYS A 216 32.89 2.54 -6.33
CA LYS A 216 33.98 1.55 -6.34
C LYS A 216 34.79 1.60 -5.05
N ALA A 217 35.05 0.42 -4.49
CA ALA A 217 35.73 0.29 -3.21
C ALA A 217 37.07 1.00 -3.20
N SER B 4 7.19 12.75 -22.50
CA SER B 4 7.21 11.31 -22.81
C SER B 4 5.87 10.85 -23.36
N PRO B 5 5.90 9.94 -24.34
CA PRO B 5 4.70 9.22 -24.78
C PRO B 5 4.35 8.12 -23.80
N GLY B 6 4.83 8.22 -22.56
CA GLY B 6 4.55 7.23 -21.53
C GLY B 6 5.50 6.06 -21.60
N VAL B 7 5.26 5.04 -20.80
CA VAL B 7 6.01 3.81 -20.95
C VAL B 7 5.55 3.14 -22.24
N VAL B 8 6.44 3.09 -23.23
CA VAL B 8 6.15 2.44 -24.50
C VAL B 8 6.18 0.93 -24.42
N ILE B 9 5.03 0.30 -24.59
CA ILE B 9 4.97 -1.15 -24.72
C ILE B 9 4.91 -1.54 -26.20
N SER B 10 5.89 -2.32 -26.63
CA SER B 10 6.04 -2.66 -28.06
C SER B 10 5.11 -3.79 -28.49
N ASP B 11 4.96 -3.95 -29.79
CA ASP B 11 4.03 -4.94 -30.32
C ASP B 11 4.47 -6.36 -29.96
N ASP B 12 5.79 -6.53 -29.81
CA ASP B 12 6.35 -7.84 -29.51
C ASP B 12 6.53 -8.06 -28.01
N GLU B 13 5.91 -7.19 -27.20
CA GLU B 13 5.98 -7.37 -25.75
C GLU B 13 5.26 -8.65 -25.34
N PRO B 14 6.00 -9.62 -24.79
CA PRO B 14 5.41 -10.91 -24.43
C PRO B 14 4.45 -10.85 -23.23
N GLY B 15 4.57 -9.81 -22.40
CA GLY B 15 3.80 -9.75 -21.17
C GLY B 15 4.17 -10.90 -20.25
N TYR B 16 3.26 -11.23 -19.34
CA TYR B 16 3.58 -12.20 -18.29
C TYR B 16 2.55 -13.32 -18.22
N ASP B 17 3.04 -14.55 -18.04
CA ASP B 17 2.23 -15.74 -17.84
C ASP B 17 1.35 -15.55 -16.59
N LEU B 18 0.07 -15.91 -16.70
CA LEU B 18 -0.87 -15.72 -15.60
C LEU B 18 -0.57 -16.62 -14.40
N ASP B 19 0.25 -17.63 -14.61
CA ASP B 19 0.58 -18.59 -13.55
C ASP B 19 1.56 -18.02 -12.53
N LEU B 20 2.19 -16.91 -12.88
CA LEU B 20 3.21 -16.33 -12.05
C LEU B 20 2.62 -15.28 -11.12
N PHE B 21 1.34 -14.98 -11.33
CA PHE B 21 0.68 -13.91 -10.59
C PHE B 21 -0.51 -14.43 -9.81
N CYS B 22 -1.11 -13.55 -9.02
CA CYS B 22 -2.29 -13.94 -8.26
C CYS B 22 -3.50 -13.33 -8.95
N ILE B 23 -4.33 -14.22 -9.50
CA ILE B 23 -5.44 -13.84 -10.37
C ILE B 23 -6.73 -14.54 -9.95
N PRO B 24 -7.85 -13.80 -9.90
CA PRO B 24 -9.13 -14.37 -9.47
C PRO B 24 -9.44 -15.64 -10.25
N ASN B 25 -9.80 -16.68 -9.54
CA ASN B 25 -10.03 -17.98 -10.17
C ASN B 25 -11.10 -17.98 -11.27
N HIS B 26 -12.04 -17.04 -11.21
CA HIS B 26 -13.13 -17.02 -12.19
C HIS B 26 -12.69 -16.53 -13.57
N TYR B 27 -11.55 -15.86 -13.64
CA TYR B 27 -11.05 -15.38 -14.93
C TYR B 27 -9.90 -16.23 -15.44
N ALA B 28 -9.83 -17.48 -14.98
CA ALA B 28 -8.77 -18.39 -15.42
C ALA B 28 -8.66 -18.50 -16.95
N GLU B 29 -9.71 -19.03 -17.58
CA GLU B 29 -9.67 -19.29 -19.01
C GLU B 29 -9.97 -18.06 -19.87
N ASP B 30 -10.25 -16.93 -19.21
CA ASP B 30 -10.77 -15.75 -19.88
C ASP B 30 -9.68 -14.79 -20.32
N LEU B 31 -8.49 -14.92 -19.75
CA LEU B 31 -7.37 -14.07 -20.09
C LEU B 31 -6.29 -14.87 -20.81
N GLU B 32 -5.43 -14.18 -21.55
CA GLU B 32 -4.33 -14.86 -22.21
C GLU B 32 -2.99 -14.58 -21.54
N ARG B 33 -2.73 -13.30 -21.26
CA ARG B 33 -1.48 -12.88 -20.66
C ARG B 33 -1.79 -11.81 -19.63
N VAL B 34 -0.88 -11.64 -18.65
CA VAL B 34 -0.82 -10.38 -17.89
C VAL B 34 -0.01 -9.42 -18.74
N PHE B 35 -0.49 -8.18 -18.86
CA PHE B 35 0.04 -7.29 -19.87
C PHE B 35 0.72 -6.09 -19.23
N ILE B 36 0.08 -5.51 -18.23
CA ILE B 36 0.71 -4.49 -17.42
C ILE B 36 0.37 -4.82 -15.99
N PRO B 37 1.33 -5.43 -15.26
CA PRO B 37 1.20 -5.72 -13.82
C PRO B 37 0.67 -4.51 -13.07
N HIS B 38 -0.28 -4.74 -12.17
CA HIS B 38 -0.78 -3.69 -11.27
C HIS B 38 0.33 -2.83 -10.70
N GLY B 39 1.37 -3.51 -10.23
CA GLY B 39 2.50 -2.82 -9.64
C GLY B 39 3.12 -1.77 -10.54
N LEU B 40 3.32 -2.14 -11.80
CA LEU B 40 3.92 -1.23 -12.79
C LEU B 40 3.02 -0.03 -12.99
N ILE B 41 1.71 -0.26 -12.95
CA ILE B 41 0.73 0.79 -13.09
C ILE B 41 0.87 1.79 -11.94
N MET B 42 1.04 1.26 -10.72
CA MET B 42 1.32 2.11 -9.54
C MET B 42 2.60 2.95 -9.72
N ASP B 43 3.71 2.30 -10.06
CA ASP B 43 5.01 2.97 -10.17
C ASP B 43 4.99 4.08 -11.22
N ARG B 44 4.37 3.80 -12.36
CA ARG B 44 4.27 4.77 -13.43
C ARG B 44 3.37 5.90 -12.94
N THR B 45 2.30 5.54 -12.26
CA THR B 45 1.33 6.53 -11.76
C THR B 45 1.96 7.51 -10.77
N GLU B 46 2.84 6.99 -9.92
CA GLU B 46 3.58 7.79 -8.97
C GLU B 46 4.36 8.88 -9.69
N ARG B 47 5.08 8.50 -10.75
CA ARG B 47 5.81 9.48 -11.55
C ARG B 47 4.86 10.44 -12.25
N LEU B 48 3.72 9.91 -12.68
CA LEU B 48 2.71 10.73 -13.34
C LEU B 48 2.23 11.82 -12.40
N ALA B 49 2.00 11.45 -11.14
CA ALA B 49 1.52 12.41 -10.16
C ALA B 49 2.53 13.53 -9.92
N ARG B 50 3.82 13.20 -9.93
CA ARG B 50 4.84 14.22 -9.77
C ARG B 50 4.82 15.14 -10.97
N ASP B 51 4.76 14.53 -12.15
CA ASP B 51 4.72 15.27 -13.40
C ASP B 51 3.54 16.23 -13.40
N VAL B 52 2.38 15.76 -12.93
CA VAL B 52 1.18 16.60 -12.88
C VAL B 52 1.40 17.78 -11.94
N MET B 53 1.99 17.48 -10.79
CA MET B 53 2.25 18.49 -9.77
C MET B 53 3.26 19.53 -10.27
N LYS B 54 4.29 19.07 -10.97
CA LYS B 54 5.25 19.97 -11.61
C LYS B 54 4.55 20.97 -12.53
N GLU B 55 3.55 20.50 -13.27
CA GLU B 55 2.94 21.31 -14.31
C GLU B 55 1.78 22.17 -13.82
N MET B 56 1.11 21.75 -12.75
CA MET B 56 -0.18 22.36 -12.42
C MET B 56 -0.38 23.02 -11.05
N GLY B 57 0.53 22.79 -10.09
CA GLY B 57 0.23 23.23 -8.74
C GLY B 57 1.12 24.25 -8.04
N GLY B 58 1.20 25.47 -8.55
CA GLY B 58 0.49 25.90 -9.73
C GLY B 58 -0.77 26.72 -9.43
N HIS B 59 -1.79 26.01 -8.96
CA HIS B 59 -3.07 26.62 -8.63
C HIS B 59 -4.01 25.53 -8.16
N HIS B 60 -5.22 25.92 -7.78
CA HIS B 60 -6.31 25.00 -7.49
C HIS B 60 -6.45 24.10 -8.68
N ILE B 61 -6.95 22.88 -8.45
CA ILE B 61 -7.22 21.92 -9.52
C ILE B 61 -8.60 21.33 -9.28
N VAL B 62 -9.35 21.14 -10.35
CA VAL B 62 -10.57 20.34 -10.30
C VAL B 62 -10.26 19.06 -11.04
N ALA B 63 -10.05 17.98 -10.28
CA ALA B 63 -9.77 16.67 -10.86
C ALA B 63 -11.04 16.06 -11.45
N LEU B 64 -11.06 15.82 -12.77
CA LEU B 64 -12.26 15.31 -13.45
C LEU B 64 -12.13 13.84 -13.87
N CYS B 65 -12.87 12.99 -13.18
CA CYS B 65 -12.83 11.55 -13.41
C CYS B 65 -13.88 11.11 -14.44
N VAL B 66 -13.42 10.44 -15.47
CA VAL B 66 -14.32 9.90 -16.47
C VAL B 66 -14.71 8.46 -16.11
N LEU B 67 -15.89 8.29 -15.53
CA LEU B 67 -16.42 6.96 -15.24
C LEU B 67 -16.63 6.25 -16.56
N LYS B 68 -16.70 4.92 -16.56
CA LYS B 68 -16.52 4.07 -15.40
C LYS B 68 -15.08 3.63 -15.31
N GLY B 69 -14.45 3.47 -16.47
CA GLY B 69 -13.12 2.92 -16.57
C GLY B 69 -12.03 3.80 -15.98
N GLY B 70 -12.34 5.06 -15.75
CA GLY B 70 -11.35 5.98 -15.24
C GLY B 70 -11.18 5.92 -13.74
N TYR B 71 -12.17 5.37 -13.03
CA TYR B 71 -12.25 5.49 -11.56
C TYR B 71 -11.02 5.00 -10.81
N LYS B 72 -10.37 3.96 -11.32
CA LYS B 72 -9.29 3.34 -10.60
C LYS B 72 -8.00 4.13 -10.76
N PHE B 73 -7.73 4.57 -11.98
CA PHE B 73 -6.57 5.41 -12.25
C PHE B 73 -6.71 6.72 -11.49
N PHE B 74 -7.90 7.28 -11.59
CA PHE B 74 -8.26 8.51 -10.90
C PHE B 74 -7.96 8.42 -9.41
N ALA B 75 -8.53 7.40 -8.77
CA ALA B 75 -8.35 7.18 -7.36
C ALA B 75 -6.87 7.21 -6.99
N ASP B 76 -6.13 6.28 -7.58
CA ASP B 76 -4.70 6.14 -7.34
C ASP B 76 -3.89 7.41 -7.62
N LEU B 77 -4.06 7.95 -8.82
CA LEU B 77 -3.35 9.16 -9.21
C LEU B 77 -3.54 10.27 -8.17
N LEU B 78 -4.79 10.49 -7.77
CA LEU B 78 -5.12 11.47 -6.74
C LEU B 78 -4.41 11.15 -5.42
N ASP B 79 -4.34 9.87 -5.09
CA ASP B 79 -3.70 9.46 -3.86
C ASP B 79 -2.21 9.78 -3.93
N TYR B 80 -1.59 9.51 -5.07
CA TYR B 80 -0.19 9.88 -5.21
C TYR B 80 0.00 11.39 -5.16
N ILE B 81 -0.91 12.14 -5.79
CA ILE B 81 -0.92 13.60 -5.65
C ILE B 81 -1.11 14.03 -4.20
N LYS B 82 -2.09 13.46 -3.52
CA LYS B 82 -2.32 13.78 -2.11
C LYS B 82 -1.06 13.51 -1.31
N ALA B 83 -0.38 12.41 -1.62
CA ALA B 83 0.88 12.08 -0.97
C ALA B 83 1.91 13.18 -1.15
N LEU B 84 1.88 13.84 -2.31
CA LEU B 84 2.78 14.95 -2.60
C LEU B 84 2.34 16.19 -1.84
N ASN B 85 1.03 16.42 -1.79
CA ASN B 85 0.50 17.59 -1.12
C ASN B 85 0.73 17.60 0.39
N ARG B 86 1.18 16.49 0.96
CA ARG B 86 1.32 16.43 2.40
C ARG B 86 2.73 16.08 2.84
N ASN B 87 3.68 16.29 1.95
CA ASN B 87 5.08 16.11 2.25
C ASN B 87 5.90 17.15 1.51
N SER B 88 5.44 18.40 1.58
CA SER B 88 6.06 19.52 0.84
C SER B 88 5.36 20.84 1.17
N ASP B 89 5.94 21.94 0.70
CA ASP B 89 5.27 23.25 0.70
C ASP B 89 4.29 23.30 -0.46
N ARG B 90 4.69 22.68 -1.57
CA ARG B 90 3.89 22.64 -2.78
C ARG B 90 2.61 21.86 -2.54
N SER B 91 1.54 22.59 -2.24
CA SER B 91 0.27 22.00 -1.89
C SER B 91 -0.85 22.59 -2.74
N ILE B 92 -1.09 21.98 -3.92
CA ILE B 92 -2.18 22.42 -4.77
C ILE B 92 -3.49 21.82 -4.27
N PRO B 93 -4.38 22.67 -3.71
CA PRO B 93 -5.72 22.25 -3.30
C PRO B 93 -6.55 21.74 -4.50
N MET B 94 -7.49 20.83 -4.23
CA MET B 94 -8.09 20.04 -5.28
C MET B 94 -9.49 19.55 -4.94
N THR B 95 -10.45 19.81 -5.82
CA THR B 95 -11.80 19.31 -5.66
C THR B 95 -12.00 18.26 -6.73
N VAL B 96 -12.91 17.31 -6.49
CA VAL B 96 -13.06 16.18 -7.41
C VAL B 96 -14.42 16.20 -8.09
N ASP B 97 -14.47 15.65 -9.30
CA ASP B 97 -15.72 15.60 -10.06
C ASP B 97 -15.82 14.40 -10.99
N PHE B 98 -17.05 14.07 -11.37
CA PHE B 98 -17.32 12.85 -12.12
C PHE B 98 -18.22 13.05 -13.36
N ILE B 99 -17.82 12.45 -14.49
CA ILE B 99 -18.65 12.38 -15.68
C ILE B 99 -18.60 11.00 -16.29
N ARG B 100 -19.72 10.60 -16.88
CA ARG B 100 -19.80 9.40 -17.68
C ARG B 100 -20.25 9.77 -19.10
N LEU B 101 -19.70 9.08 -20.09
CA LEU B 101 -19.91 9.47 -21.48
C LEU B 101 -20.36 8.31 -22.35
N LYS B 102 -21.68 8.18 -22.53
CA LYS B 102 -22.22 7.05 -23.29
C LYS B 102 -22.84 7.50 -24.60
N ILE B 113 -22.12 9.51 -27.88
CA ILE B 113 -21.19 10.18 -26.99
C ILE B 113 -21.78 11.47 -26.42
N LYS B 114 -22.52 11.35 -25.32
CA LYS B 114 -23.09 12.49 -24.61
C LYS B 114 -22.97 12.29 -23.09
N VAL B 115 -23.03 13.39 -22.33
CA VAL B 115 -22.67 13.39 -20.92
C VAL B 115 -23.79 12.93 -19.99
N ILE B 116 -23.43 12.30 -18.86
CA ILE B 116 -24.43 11.88 -17.89
C ILE B 116 -24.34 12.62 -16.55
N LEU B 121 -21.61 21.62 -14.27
CA LEU B 121 -20.32 21.84 -14.93
C LEU B 121 -19.89 23.31 -15.05
N SER B 122 -20.63 24.21 -14.40
CA SER B 122 -20.20 25.61 -14.33
C SER B 122 -19.10 25.72 -13.28
N THR B 123 -18.89 24.61 -12.58
CA THR B 123 -17.82 24.45 -11.61
C THR B 123 -16.45 24.61 -12.27
N LEU B 124 -16.39 24.24 -13.55
CA LEU B 124 -15.16 24.26 -14.33
C LEU B 124 -14.76 25.65 -14.81
N THR B 125 -15.73 26.56 -14.86
CA THR B 125 -15.50 27.92 -15.31
C THR B 125 -14.36 28.57 -14.54
N GLY B 126 -13.39 29.11 -15.27
CA GLY B 126 -12.25 29.75 -14.67
C GLY B 126 -11.39 28.84 -13.81
N LYS B 127 -11.41 27.55 -14.10
CA LYS B 127 -10.66 26.60 -13.27
C LYS B 127 -9.60 25.86 -14.06
N ASN B 128 -8.62 25.31 -13.35
CA ASN B 128 -7.66 24.38 -13.95
C ASN B 128 -8.25 23.00 -13.81
N VAL B 129 -8.54 22.36 -14.93
CA VAL B 129 -9.23 21.07 -14.94
C VAL B 129 -8.27 19.97 -15.37
N LEU B 130 -8.29 18.86 -14.63
CA LEU B 130 -7.43 17.73 -14.93
C LEU B 130 -8.35 16.57 -15.24
N ILE B 131 -8.54 16.30 -16.53
CA ILE B 131 -9.34 15.16 -16.94
C ILE B 131 -8.53 13.87 -16.78
N VAL B 132 -9.15 12.86 -16.18
CA VAL B 132 -8.45 11.61 -15.89
C VAL B 132 -9.17 10.44 -16.55
N GLU B 133 -8.56 9.88 -17.58
CA GLU B 133 -9.21 8.86 -18.40
C GLU B 133 -8.38 7.57 -18.40
N ASP B 134 -9.05 6.43 -18.59
CA ASP B 134 -8.35 5.14 -18.68
C ASP B 134 -7.65 4.88 -20.02
N ILE B 135 -8.31 5.18 -21.14
CA ILE B 135 -7.71 4.87 -22.43
C ILE B 135 -8.24 5.71 -23.60
N ILE B 136 -7.29 6.27 -24.35
CA ILE B 136 -7.62 6.95 -25.57
C ILE B 136 -7.34 5.93 -26.65
N ASP B 137 -8.31 5.69 -27.54
CA ASP B 137 -8.09 4.81 -28.68
C ASP B 137 -8.18 5.62 -29.95
N THR B 138 -9.40 5.85 -30.43
CA THR B 138 -9.64 6.70 -31.60
C THR B 138 -9.52 8.17 -31.24
N GLY B 139 -9.55 8.49 -29.95
CA GLY B 139 -9.49 9.87 -29.53
C GLY B 139 -10.79 10.63 -29.71
N LYS B 140 -11.82 9.95 -30.22
CA LYS B 140 -13.14 10.54 -30.43
C LYS B 140 -13.85 10.92 -29.13
N THR B 141 -13.83 10.02 -28.15
CA THR B 141 -14.42 10.32 -26.85
C THR B 141 -13.81 11.59 -26.23
N MET B 142 -12.49 11.67 -26.24
CA MET B 142 -11.79 12.78 -25.61
C MET B 142 -12.04 14.11 -26.34
N GLN B 143 -12.19 14.05 -27.65
CA GLN B 143 -12.56 15.26 -28.39
C GLN B 143 -13.96 15.73 -27.97
N THR B 144 -14.89 14.79 -27.84
CA THR B 144 -16.23 15.11 -27.38
C THR B 144 -16.17 15.69 -25.97
N LEU B 145 -15.20 15.24 -25.18
CA LEU B 145 -15.12 15.71 -23.81
C LEU B 145 -14.60 17.14 -23.69
N LEU B 146 -13.48 17.42 -24.37
CA LEU B 146 -12.87 18.74 -24.33
C LEU B 146 -13.84 19.80 -24.82
N SER B 147 -14.46 19.55 -25.97
CA SER B 147 -15.42 20.48 -26.54
C SER B 147 -16.57 20.78 -25.58
N LEU B 148 -17.09 19.74 -24.94
CA LEU B 148 -18.14 19.94 -23.94
C LEU B 148 -17.61 20.79 -22.78
N VAL B 149 -16.47 20.39 -22.23
CA VAL B 149 -15.84 21.10 -21.12
C VAL B 149 -15.49 22.52 -21.48
N ARG B 150 -14.85 22.71 -22.63
CA ARG B 150 -14.39 24.03 -23.03
C ARG B 150 -15.54 25.02 -23.17
N GLN B 151 -16.74 24.50 -23.40
CA GLN B 151 -17.96 25.31 -23.42
C GLN B 151 -18.18 25.98 -22.07
N TYR B 152 -17.62 25.41 -21.01
CA TYR B 152 -17.78 25.98 -19.68
C TYR B 152 -16.60 26.90 -19.30
N ASN B 153 -15.83 27.28 -20.31
CA ASN B 153 -14.75 28.25 -20.16
C ASN B 153 -13.82 28.03 -18.96
N PRO B 154 -13.13 26.88 -18.91
CA PRO B 154 -12.11 26.69 -17.86
C PRO B 154 -10.90 27.59 -18.09
N LYS B 155 -10.02 27.68 -17.11
CA LYS B 155 -8.82 28.49 -17.27
C LYS B 155 -7.85 27.72 -18.13
N MET B 156 -7.60 26.48 -17.72
CA MET B 156 -6.74 25.59 -18.49
C MET B 156 -7.37 24.20 -18.45
N VAL B 157 -7.04 23.36 -19.43
CA VAL B 157 -7.45 21.95 -19.38
C VAL B 157 -6.31 21.01 -19.81
N LYS B 158 -6.06 20.00 -19.00
CA LYS B 158 -5.10 18.97 -19.35
C LYS B 158 -5.75 17.57 -19.24
N VAL B 159 -5.18 16.61 -19.95
CA VAL B 159 -5.68 15.25 -19.91
C VAL B 159 -4.62 14.26 -19.44
N ALA B 160 -5.02 13.39 -18.53
CA ALA B 160 -4.18 12.27 -18.14
C ALA B 160 -4.88 11.02 -18.63
N SER B 161 -4.15 10.18 -19.32
CA SER B 161 -4.73 8.90 -19.71
C SER B 161 -3.82 7.77 -19.29
N LEU B 162 -4.41 6.74 -18.70
CA LEU B 162 -3.60 5.57 -18.36
C LEU B 162 -2.98 5.05 -19.64
N LEU B 163 -3.81 4.72 -20.62
CA LEU B 163 -3.34 4.06 -21.81
C LEU B 163 -3.64 4.89 -23.05
N VAL B 164 -2.71 4.88 -24.00
CA VAL B 164 -2.94 5.45 -25.32
C VAL B 164 -2.59 4.40 -26.35
N LYS B 165 -3.58 3.98 -27.13
CA LYS B 165 -3.35 2.97 -28.16
C LYS B 165 -2.71 3.56 -29.40
N ARG B 166 -1.72 2.87 -29.93
CA ARG B 166 -1.21 3.16 -31.25
C ARG B 166 -2.23 2.58 -32.22
N THR B 167 -2.87 3.43 -33.00
CA THR B 167 -3.91 2.95 -33.89
C THR B 167 -4.09 3.85 -35.10
N PRO B 168 -4.25 3.23 -36.28
CA PRO B 168 -4.57 3.98 -37.50
C PRO B 168 -5.84 4.83 -37.34
N ARG B 169 -6.79 4.31 -36.55
CA ARG B 169 -8.04 5.01 -36.25
C ARG B 169 -7.83 6.37 -35.54
N SER B 170 -6.59 6.63 -35.13
CA SER B 170 -6.29 7.83 -34.36
C SER B 170 -6.36 9.12 -35.18
N VAL B 171 -7.24 10.02 -34.75
CA VAL B 171 -7.30 11.37 -35.28
C VAL B 171 -6.02 12.11 -34.89
N GLY B 172 -5.45 11.72 -33.76
CA GLY B 172 -4.19 12.26 -33.32
C GLY B 172 -4.30 13.33 -32.25
N TYR B 173 -5.22 13.15 -31.30
CA TYR B 173 -5.16 13.97 -30.10
C TYR B 173 -4.18 13.33 -29.13
N LYS B 174 -3.22 14.11 -28.65
CA LYS B 174 -2.25 13.60 -27.71
C LYS B 174 -2.56 14.11 -26.31
N PRO B 175 -2.71 13.20 -25.34
CA PRO B 175 -2.91 13.59 -23.93
C PRO B 175 -1.68 14.27 -23.36
N ASP B 176 -1.87 15.13 -22.38
CA ASP B 176 -0.73 15.76 -21.72
C ASP B 176 0.05 14.74 -20.88
N PHE B 177 -0.67 13.85 -20.20
CA PHE B 177 -0.04 12.86 -19.37
C PHE B 177 -0.47 11.47 -19.79
N VAL B 178 0.53 10.62 -20.08
CA VAL B 178 0.27 9.24 -20.47
C VAL B 178 1.03 8.22 -19.62
N GLY B 179 0.29 7.29 -19.01
CA GLY B 179 0.91 6.13 -18.39
C GLY B 179 1.64 5.26 -19.39
N PHE B 180 0.89 4.55 -20.23
CA PHE B 180 1.49 3.61 -21.18
C PHE B 180 0.96 3.78 -22.60
N GLU B 181 1.86 3.62 -23.58
CA GLU B 181 1.48 3.59 -24.99
C GLU B 181 1.44 2.12 -25.39
N ILE B 182 0.25 1.63 -25.73
CA ILE B 182 0.06 0.18 -25.99
C ILE B 182 -0.35 -0.07 -27.44
N PRO B 183 -0.13 -1.31 -27.94
CA PRO B 183 -0.67 -1.72 -29.24
C PRO B 183 -2.21 -1.74 -29.25
N ASP B 184 -2.79 -2.04 -30.40
CA ASP B 184 -4.24 -2.19 -30.45
C ASP B 184 -4.61 -3.64 -30.19
N LYS B 185 -4.30 -4.10 -28.98
CA LYS B 185 -4.82 -5.35 -28.46
C LYS B 185 -5.97 -4.98 -27.55
N PHE B 186 -6.88 -5.92 -27.31
CA PHE B 186 -7.99 -5.62 -26.42
C PHE B 186 -7.56 -5.93 -24.98
N VAL B 187 -7.39 -4.90 -24.18
CA VAL B 187 -6.90 -5.13 -22.82
C VAL B 187 -7.97 -4.83 -21.79
N VAL B 188 -7.94 -5.56 -20.69
CA VAL B 188 -8.92 -5.36 -19.62
C VAL B 188 -8.25 -5.36 -18.25
N GLY B 189 -9.03 -5.08 -17.21
CA GLY B 189 -8.49 -5.02 -15.86
C GLY B 189 -8.17 -3.59 -15.48
N TYR B 190 -7.90 -3.39 -14.19
CA TYR B 190 -7.66 -2.08 -13.61
C TYR B 190 -8.77 -1.08 -14.01
N ALA B 191 -10.01 -1.55 -13.89
CA ALA B 191 -11.23 -0.83 -14.27
C ALA B 191 -11.60 -0.81 -15.77
N LEU B 192 -10.66 -1.17 -16.65
CA LEU B 192 -10.99 -1.34 -18.07
C LEU B 192 -11.81 -2.60 -18.28
N ASP B 193 -13.02 -2.45 -18.76
CA ASP B 193 -13.87 -3.63 -18.88
C ASP B 193 -13.96 -4.18 -20.29
N TYR B 194 -14.38 -5.44 -20.36
CA TYR B 194 -15.06 -5.96 -21.53
C TYR B 194 -16.47 -6.24 -21.04
N ASN B 195 -17.46 -5.65 -21.72
CA ASN B 195 -18.87 -5.77 -21.33
C ASN B 195 -19.13 -5.83 -19.81
N GLU B 196 -18.57 -4.86 -19.09
CA GLU B 196 -18.68 -4.71 -17.64
C GLU B 196 -17.88 -5.75 -16.84
N TYR B 197 -17.25 -6.69 -17.52
CA TYR B 197 -16.42 -7.68 -16.83
C TYR B 197 -14.95 -7.30 -16.85
N PHE B 198 -14.21 -7.87 -15.90
CA PHE B 198 -12.77 -7.70 -15.74
C PHE B 198 -12.37 -6.40 -15.02
N ARG B 199 -13.33 -5.60 -14.59
CA ARG B 199 -13.00 -4.44 -13.78
C ARG B 199 -12.46 -4.88 -12.41
N ASP B 200 -13.01 -5.97 -11.87
CA ASP B 200 -12.60 -6.52 -10.58
C ASP B 200 -11.27 -7.23 -10.64
N LEU B 201 -10.35 -6.70 -11.42
CA LEU B 201 -9.03 -7.29 -11.63
C LEU B 201 -8.02 -6.15 -11.59
N ASN B 202 -6.87 -6.37 -10.97
CA ASN B 202 -5.98 -5.24 -10.72
C ASN B 202 -4.84 -5.09 -11.73
N HIS B 203 -4.45 -6.18 -12.37
CA HIS B 203 -3.51 -6.09 -13.48
C HIS B 203 -4.27 -5.70 -14.75
N VAL B 204 -3.59 -5.04 -15.68
CA VAL B 204 -4.14 -4.89 -17.01
C VAL B 204 -3.74 -6.15 -17.78
N CYS B 205 -4.75 -6.85 -18.30
CA CYS B 205 -4.54 -8.10 -19.01
C CYS B 205 -5.23 -8.11 -20.37
N VAL B 206 -4.91 -9.11 -21.17
CA VAL B 206 -5.47 -9.27 -22.51
C VAL B 206 -6.51 -10.40 -22.50
N ILE B 207 -7.75 -10.11 -22.92
CA ILE B 207 -8.77 -11.16 -23.01
C ILE B 207 -8.31 -12.30 -23.88
N SER B 208 -8.83 -13.48 -23.60
CA SER B 208 -8.65 -14.61 -24.46
C SER B 208 -9.76 -14.60 -25.52
N GLU B 209 -9.63 -15.41 -26.56
CA GLU B 209 -10.74 -15.56 -27.48
C GLU B 209 -11.94 -16.08 -26.70
N THR B 210 -11.70 -17.08 -25.86
CA THR B 210 -12.79 -17.69 -25.10
C THR B 210 -13.46 -16.68 -24.14
N GLY B 211 -12.67 -15.76 -23.61
CA GLY B 211 -13.20 -14.72 -22.74
C GLY B 211 -14.10 -13.76 -23.52
N LYS B 212 -13.67 -13.38 -24.72
CA LYS B 212 -14.44 -12.50 -25.59
C LYS B 212 -15.77 -13.15 -25.89
N ALA B 213 -15.75 -14.47 -25.96
CA ALA B 213 -16.90 -15.23 -26.38
C ALA B 213 -17.83 -15.46 -25.20
N LYS B 214 -17.24 -15.77 -24.04
CA LYS B 214 -18.04 -16.10 -22.88
C LYS B 214 -18.78 -14.88 -22.37
N TYR B 215 -18.19 -13.70 -22.51
CA TYR B 215 -18.82 -12.51 -21.99
C TYR B 215 -19.36 -11.59 -23.07
N LYS B 216 -19.57 -12.13 -24.26
CA LYS B 216 -20.10 -11.32 -25.35
C LYS B 216 -21.50 -10.86 -24.97
N ALA B 217 -21.79 -9.61 -25.31
CA ALA B 217 -23.05 -8.98 -24.92
C ALA B 217 -24.21 -9.63 -25.65
N PRO C 5 8.24 13.73 21.43
CA PRO C 5 7.08 13.47 22.31
C PRO C 5 6.27 12.23 21.88
N GLY C 6 5.64 12.31 20.72
CA GLY C 6 5.01 11.15 20.12
C GLY C 6 3.52 11.14 20.36
N VAL C 7 2.83 10.13 19.81
CA VAL C 7 1.39 10.04 20.02
C VAL C 7 1.08 9.57 21.44
N VAL C 8 0.59 10.47 22.26
CA VAL C 8 0.35 10.09 23.63
C VAL C 8 -0.91 9.26 23.77
N ILE C 9 -0.73 7.94 23.76
CA ILE C 9 -1.78 7.00 24.13
C ILE C 9 -2.03 6.98 25.64
N SER C 10 -3.25 7.37 26.03
CA SER C 10 -3.69 7.48 27.41
C SER C 10 -3.65 6.18 28.22
N ASP C 11 -3.38 6.31 29.52
CA ASP C 11 -3.39 5.18 30.43
C ASP C 11 -4.70 4.39 30.32
N ASP C 12 -5.83 5.09 30.34
CA ASP C 12 -7.13 4.41 30.28
C ASP C 12 -7.69 4.27 28.86
N GLU C 13 -6.79 4.24 27.87
CA GLU C 13 -7.16 3.97 26.48
C GLU C 13 -7.66 2.55 26.36
N PRO C 14 -8.94 2.38 26.01
CA PRO C 14 -9.55 1.06 25.94
C PRO C 14 -8.97 0.19 24.83
N GLY C 15 -8.68 0.81 23.69
CA GLY C 15 -8.26 0.03 22.55
C GLY C 15 -9.51 -0.30 21.73
N TYR C 16 -9.41 -1.33 20.91
CA TYR C 16 -10.49 -1.68 20.02
C TYR C 16 -10.78 -3.17 20.10
N ASP C 17 -12.06 -3.51 19.98
CA ASP C 17 -12.50 -4.91 19.97
C ASP C 17 -11.83 -5.65 18.82
N LEU C 18 -11.31 -6.85 19.08
CA LEU C 18 -10.64 -7.67 18.06
C LEU C 18 -11.57 -8.04 16.89
N ASP C 19 -12.86 -8.10 17.16
CA ASP C 19 -13.83 -8.56 16.19
C ASP C 19 -14.14 -7.48 15.18
N LEU C 20 -13.43 -6.35 15.27
CA LEU C 20 -13.68 -5.22 14.38
C LEU C 20 -12.57 -5.09 13.36
N PHE C 21 -11.55 -5.90 13.52
CA PHE C 21 -10.35 -5.81 12.72
C PHE C 21 -10.08 -7.20 12.20
N CYS C 22 -9.04 -7.35 11.38
CA CYS C 22 -8.65 -8.65 10.93
C CYS C 22 -7.42 -9.06 11.71
N ILE C 23 -7.57 -10.17 12.43
CA ILE C 23 -6.54 -10.75 13.29
C ILE C 23 -6.32 -12.18 12.79
N PRO C 24 -5.04 -12.61 12.71
CA PRO C 24 -4.73 -14.01 12.38
C PRO C 24 -5.47 -14.96 13.32
N ASN C 25 -6.09 -16.00 12.78
CA ASN C 25 -6.97 -16.86 13.58
C ASN C 25 -6.23 -17.61 14.69
N HIS C 26 -4.94 -17.86 14.50
CA HIS C 26 -4.16 -18.55 15.52
C HIS C 26 -3.91 -17.73 16.81
N TYR C 27 -4.14 -16.42 16.74
CA TYR C 27 -3.95 -15.59 17.92
C TYR C 27 -5.27 -15.07 18.48
N ALA C 28 -6.39 -15.62 18.00
CA ALA C 28 -7.69 -15.13 18.41
C ALA C 28 -7.93 -15.12 19.92
N GLU C 29 -7.62 -16.22 20.60
CA GLU C 29 -7.88 -16.30 22.03
C GLU C 29 -6.73 -15.76 22.89
N ASP C 30 -5.73 -15.18 22.22
CA ASP C 30 -4.49 -14.77 22.88
C ASP C 30 -4.40 -13.26 23.08
N LEU C 31 -5.20 -12.51 22.32
CA LEU C 31 -5.19 -11.07 22.41
C LEU C 31 -6.39 -10.60 23.21
N GLU C 32 -6.23 -9.50 23.91
CA GLU C 32 -7.32 -8.90 24.64
C GLU C 32 -8.00 -7.84 23.76
N ARG C 33 -7.21 -6.87 23.30
CA ARG C 33 -7.71 -5.77 22.51
C ARG C 33 -6.66 -5.41 21.47
N VAL C 34 -7.09 -4.77 20.38
CA VAL C 34 -6.16 -4.05 19.52
C VAL C 34 -5.82 -2.73 20.21
N PHE C 35 -4.53 -2.48 20.39
CA PHE C 35 -4.11 -1.29 21.10
C PHE C 35 -3.73 -0.20 20.12
N ILE C 36 -2.87 -0.57 19.16
CA ILE C 36 -2.43 0.36 18.12
C ILE C 36 -2.58 -0.29 16.74
N PRO C 37 -3.65 0.07 16.03
CA PRO C 37 -3.92 -0.50 14.69
C PRO C 37 -2.74 -0.35 13.74
N HIS C 38 -2.50 -1.35 12.91
CA HIS C 38 -1.42 -1.29 11.94
C HIS C 38 -1.37 0.08 11.23
N GLY C 39 -2.53 0.56 10.80
CA GLY C 39 -2.60 1.76 10.00
C GLY C 39 -2.31 3.08 10.67
N LEU C 40 -2.73 3.20 11.93
CA LEU C 40 -2.32 4.32 12.78
C LEU C 40 -0.80 4.31 12.89
N ILE C 41 -0.22 3.12 12.97
CA ILE C 41 1.23 2.99 13.08
C ILE C 41 1.88 3.54 11.82
N MET C 42 1.31 3.20 10.67
CA MET C 42 1.84 3.62 9.37
C MET C 42 1.77 5.12 9.22
N ASP C 43 0.60 5.66 9.49
CA ASP C 43 0.37 7.08 9.33
C ASP C 43 1.39 7.90 10.14
N ARG C 44 1.64 7.48 11.37
CA ARG C 44 2.54 8.22 12.25
C ARG C 44 3.99 8.01 11.83
N THR C 45 4.27 6.86 11.23
CA THR C 45 5.63 6.57 10.74
C THR C 45 5.92 7.45 9.53
N GLU C 46 4.90 7.66 8.70
CA GLU C 46 4.99 8.53 7.55
C GLU C 46 5.44 9.89 8.03
N ARG C 47 4.80 10.34 9.10
CA ARG C 47 5.11 11.63 9.69
C ARG C 47 6.54 11.64 10.23
N LEU C 48 6.95 10.57 10.89
CA LEU C 48 8.31 10.53 11.44
C LEU C 48 9.34 10.62 10.32
N ALA C 49 9.05 9.95 9.22
CA ALA C 49 9.99 9.95 8.09
C ALA C 49 10.28 11.36 7.65
N ARG C 50 9.25 12.20 7.66
CA ARG C 50 9.42 13.60 7.31
C ARG C 50 10.22 14.33 8.36
N ASP C 51 10.09 13.92 9.62
CA ASP C 51 10.87 14.53 10.70
C ASP C 51 12.33 14.14 10.57
N VAL C 52 12.58 12.86 10.27
CA VAL C 52 13.94 12.37 10.12
C VAL C 52 14.67 13.13 9.03
N MET C 53 13.99 13.38 7.92
CA MET C 53 14.63 14.14 6.84
C MET C 53 14.69 15.61 7.20
N LYS C 54 13.86 16.03 8.13
CA LYS C 54 13.87 17.42 8.55
C LYS C 54 15.10 17.69 9.40
N GLU C 55 15.47 16.73 10.24
CA GLU C 55 16.59 16.90 11.16
C GLU C 55 17.92 16.41 10.57
N MET C 56 17.85 15.41 9.71
CA MET C 56 19.09 14.78 9.23
C MET C 56 19.19 14.73 7.71
N GLY C 57 18.19 15.24 7.02
CA GLY C 57 18.14 15.18 5.57
C GLY C 57 19.03 16.20 4.90
N GLY C 58 20.33 16.08 5.13
CA GLY C 58 21.31 17.01 4.60
C GLY C 58 22.71 16.43 4.70
N HIS C 59 22.76 15.11 4.83
CA HIS C 59 24.03 14.38 4.90
C HIS C 59 23.76 12.90 4.70
N HIS C 60 24.79 12.08 4.89
CA HIS C 60 24.65 10.64 4.80
C HIS C 60 24.05 10.08 6.08
N ILE C 61 22.97 9.32 5.91
CA ILE C 61 22.30 8.63 6.99
C ILE C 61 22.79 7.20 7.04
N VAL C 62 23.18 6.74 8.21
CA VAL C 62 23.25 5.30 8.43
C VAL C 62 22.11 4.88 9.34
N ALA C 63 21.17 4.12 8.80
CA ALA C 63 20.06 3.66 9.59
C ALA C 63 20.47 2.38 10.27
N LEU C 64 20.33 2.35 11.58
CA LEU C 64 20.64 1.15 12.34
C LEU C 64 19.34 0.46 12.75
N CYS C 65 19.22 -0.80 12.38
CA CYS C 65 18.08 -1.61 12.79
C CYS C 65 18.34 -2.51 14.02
N VAL C 66 17.62 -2.27 15.11
CA VAL C 66 17.81 -3.13 16.26
C VAL C 66 16.90 -4.36 16.16
N LEU C 67 17.48 -5.46 15.69
CA LEU C 67 16.84 -6.77 15.69
C LEU C 67 16.51 -7.21 17.11
N LYS C 68 15.44 -7.98 17.28
CA LYS C 68 14.57 -8.42 16.20
C LYS C 68 13.33 -7.52 16.08
N GLY C 69 12.84 -7.06 17.22
CA GLY C 69 11.62 -6.27 17.28
C GLY C 69 11.54 -5.06 16.38
N GLY C 70 12.69 -4.49 16.02
CA GLY C 70 12.69 -3.29 15.20
C GLY C 70 12.47 -3.46 13.69
N TYR C 71 12.55 -4.69 13.19
CA TYR C 71 12.68 -4.88 11.75
C TYR C 71 11.50 -4.29 10.96
N LYS C 72 10.31 -4.25 11.54
CA LYS C 72 9.16 -3.75 10.80
C LYS C 72 9.15 -2.23 10.74
N PHE C 73 9.28 -1.60 11.91
CA PHE C 73 9.32 -0.16 12.00
C PHE C 73 10.42 0.38 11.10
N PHE C 74 11.55 -0.31 11.11
CA PHE C 74 12.67 0.01 10.25
C PHE C 74 12.31 -0.09 8.76
N ALA C 75 11.78 -1.24 8.36
CA ALA C 75 11.40 -1.44 6.95
C ALA C 75 10.46 -0.34 6.53
N ASP C 76 9.47 -0.11 7.37
CA ASP C 76 8.40 0.83 7.03
C ASP C 76 8.86 2.29 7.05
N LEU C 77 9.56 2.69 8.12
CA LEU C 77 10.09 4.04 8.20
C LEU C 77 11.02 4.30 7.04
N LEU C 78 11.97 3.38 6.82
CA LEU C 78 12.83 3.51 5.67
C LEU C 78 12.04 3.55 4.35
N ASP C 79 10.95 2.79 4.26
CA ASP C 79 10.12 2.88 3.06
C ASP C 79 9.54 4.27 2.90
N TYR C 80 9.04 4.84 4.00
CA TYR C 80 8.48 6.18 3.92
C TYR C 80 9.57 7.23 3.61
N ILE C 81 10.73 7.11 4.25
CA ILE C 81 11.85 7.98 3.91
C ILE C 81 12.21 7.81 2.43
N LYS C 82 12.26 6.57 1.97
CA LYS C 82 12.53 6.27 0.55
C LYS C 82 11.53 7.00 -0.39
N ALA C 83 10.26 7.04 -0.02
CA ALA C 83 9.25 7.75 -0.79
C ALA C 83 9.52 9.24 -0.83
N LEU C 84 10.10 9.77 0.25
CA LEU C 84 10.48 11.17 0.28
C LEU C 84 11.64 11.46 -0.67
N ASN C 85 12.58 10.52 -0.76
CA ASN C 85 13.82 10.76 -1.50
C ASN C 85 13.64 10.84 -2.99
N ARG C 86 12.53 10.31 -3.51
CA ARG C 86 12.32 10.34 -4.94
C ARG C 86 11.17 11.27 -5.30
N ASN C 87 10.43 11.73 -4.31
CA ASN C 87 9.28 12.59 -4.60
C ASN C 87 9.43 14.03 -4.15
N SER C 88 10.44 14.31 -3.33
CA SER C 88 10.55 15.62 -2.72
C SER C 88 11.76 16.40 -3.21
N ASP C 89 11.94 17.59 -2.64
CA ASP C 89 13.05 18.45 -3.02
C ASP C 89 14.25 18.25 -2.11
N ARG C 90 14.31 17.12 -1.42
CA ARG C 90 15.47 16.81 -0.60
C ARG C 90 15.74 15.31 -0.61
N SER C 91 16.98 14.95 -0.94
CA SER C 91 17.34 13.56 -1.20
C SER C 91 18.58 13.17 -0.43
N ILE C 92 18.42 12.27 0.55
CA ILE C 92 19.53 11.83 1.39
C ILE C 92 19.94 10.37 1.19
N PRO C 93 21.14 10.16 0.63
CA PRO C 93 21.78 8.84 0.52
C PRO C 93 21.77 8.11 1.85
N MET C 94 21.50 6.82 1.82
CA MET C 94 21.24 6.06 3.02
C MET C 94 21.77 4.62 2.90
N THR C 95 22.49 4.18 3.92
CA THR C 95 22.97 2.81 3.97
C THR C 95 22.44 2.21 5.25
N VAL C 96 22.33 0.88 5.30
CA VAL C 96 21.75 0.23 6.46
C VAL C 96 22.71 -0.76 7.13
N ASP C 97 22.44 -1.05 8.39
CA ASP C 97 23.11 -2.13 9.06
C ASP C 97 22.19 -2.59 10.17
N PHE C 98 22.49 -3.76 10.73
CA PHE C 98 21.60 -4.43 11.66
C PHE C 98 22.35 -4.88 12.93
N ILE C 99 21.80 -4.58 14.09
CA ILE C 99 22.40 -5.11 15.30
C ILE C 99 21.38 -5.81 16.15
N ARG C 100 21.86 -6.86 16.82
CA ARG C 100 21.03 -7.60 17.74
C ARG C 100 21.74 -7.69 19.08
N LEU C 101 20.99 -7.52 20.16
CA LEU C 101 21.55 -7.55 21.49
C LEU C 101 21.29 -8.88 22.19
N ILE C 116 26.43 -8.35 19.14
CA ILE C 116 26.55 -8.45 17.69
C ILE C 116 25.52 -9.41 17.05
N GLY C 117 24.91 -8.99 15.95
CA GLY C 117 25.13 -7.68 15.37
C GLY C 117 26.22 -7.63 14.32
N GLY C 118 26.15 -6.60 13.47
CA GLY C 118 27.21 -6.27 12.53
C GLY C 118 27.80 -4.94 12.95
N ASP C 119 29.12 -4.73 12.89
CA ASP C 119 30.13 -5.55 12.17
C ASP C 119 29.94 -5.56 10.66
N ASP C 120 30.58 -4.61 9.97
CA ASP C 120 31.47 -3.64 10.62
C ASP C 120 30.71 -2.37 11.03
N LEU C 121 31.23 -1.69 12.05
CA LEU C 121 30.56 -0.50 12.56
C LEU C 121 31.47 0.74 12.52
N SER C 122 32.66 0.59 11.95
CA SER C 122 33.55 1.74 11.71
C SER C 122 32.97 2.65 10.65
N THR C 123 32.11 2.07 9.81
CA THR C 123 31.47 2.77 8.71
C THR C 123 30.53 3.88 9.17
N LEU C 124 30.59 4.22 10.45
CA LEU C 124 29.68 5.20 11.04
C LEU C 124 30.36 6.55 11.21
N THR C 125 31.69 6.53 11.28
CA THR C 125 32.48 7.70 11.60
C THR C 125 32.21 8.87 10.68
N GLY C 126 31.74 9.97 11.25
CA GLY C 126 31.52 11.19 10.49
C GLY C 126 30.22 11.16 9.72
N LYS C 127 29.33 10.25 10.09
CA LYS C 127 28.06 10.12 9.39
C LYS C 127 26.92 10.33 10.37
N ASN C 128 25.75 10.68 9.83
CA ASN C 128 24.56 10.77 10.66
C ASN C 128 24.01 9.39 10.85
N VAL C 129 23.75 9.04 12.11
CA VAL C 129 23.34 7.70 12.45
C VAL C 129 21.98 7.72 13.12
N LEU C 130 21.10 6.85 12.64
CA LEU C 130 19.74 6.77 13.11
C LEU C 130 19.54 5.38 13.68
N ILE C 131 19.48 5.31 14.99
CA ILE C 131 19.16 4.07 15.67
C ILE C 131 17.65 3.88 15.63
N VAL C 132 17.20 2.76 15.09
CA VAL C 132 15.78 2.47 14.98
C VAL C 132 15.41 1.27 15.84
N GLU C 133 14.54 1.52 16.82
CA GLU C 133 14.24 0.57 17.89
C GLU C 133 12.74 0.46 18.06
N ASP C 134 12.29 -0.73 18.45
CA ASP C 134 10.88 -1.02 18.63
C ASP C 134 10.32 -0.28 19.82
N ILE C 135 10.89 -0.55 20.99
CA ILE C 135 10.33 -0.08 22.25
C ILE C 135 11.43 0.30 23.27
N ILE C 136 11.26 1.46 23.91
CA ILE C 136 12.14 1.91 24.97
C ILE C 136 11.39 1.76 26.28
N ASP C 137 11.82 0.81 27.11
CA ASP C 137 11.18 0.55 28.37
C ASP C 137 12.10 1.06 29.50
N THR C 138 13.02 0.23 30.01
CA THR C 138 13.98 0.73 31.01
C THR C 138 14.96 1.70 30.38
N GLY C 139 15.41 1.38 29.18
CA GLY C 139 16.27 2.26 28.43
C GLY C 139 17.66 1.65 28.32
N LYS C 140 17.87 0.55 29.04
CA LYS C 140 19.17 -0.08 29.09
C LYS C 140 19.62 -0.49 27.70
N THR C 141 18.68 -0.95 26.89
CA THR C 141 19.01 -1.32 25.52
C THR C 141 19.56 -0.11 24.78
N MET C 142 18.88 1.03 24.88
CA MET C 142 19.29 2.24 24.18
C MET C 142 20.61 2.87 24.73
N GLN C 143 20.81 2.85 26.05
CA GLN C 143 22.10 3.26 26.62
C GLN C 143 23.24 2.53 25.94
N THR C 144 23.04 1.22 25.77
CA THR C 144 24.03 0.35 25.13
C THR C 144 24.31 0.71 23.65
N LEU C 145 23.25 0.96 22.88
CA LEU C 145 23.44 1.32 21.47
C LEU C 145 24.02 2.73 21.33
N LEU C 146 23.54 3.66 22.16
CA LEU C 146 24.08 5.03 22.15
C LEU C 146 25.57 5.05 22.54
N SER C 147 25.93 4.24 23.54
CA SER C 147 27.31 4.13 23.95
C SER C 147 28.13 3.40 22.90
N LEU C 148 27.53 2.43 22.23
CA LEU C 148 28.20 1.76 21.13
C LEU C 148 28.50 2.72 19.99
N VAL C 149 27.47 3.32 19.43
CA VAL C 149 27.60 4.17 18.25
C VAL C 149 28.54 5.36 18.49
N ARG C 150 28.54 5.89 19.71
CA ARG C 150 29.42 7.01 20.04
C ARG C 150 30.88 6.60 20.08
N GLN C 151 31.13 5.29 20.11
CA GLN C 151 32.49 4.76 20.09
C GLN C 151 33.17 5.07 18.76
N TYR C 152 32.39 5.11 17.68
CA TYR C 152 32.95 5.33 16.35
C TYR C 152 32.79 6.77 15.86
N ASN C 153 32.70 7.70 16.81
CA ASN C 153 32.67 9.13 16.52
C ASN C 153 31.81 9.57 15.32
N PRO C 154 30.51 9.39 15.45
CA PRO C 154 29.63 9.76 14.33
C PRO C 154 29.50 11.27 14.31
N LYS C 155 28.93 11.82 13.25
CA LYS C 155 28.76 13.26 13.19
C LYS C 155 27.51 13.63 13.98
N MET C 156 26.66 12.63 14.19
CA MET C 156 25.40 12.86 14.86
C MET C 156 24.70 11.52 15.06
N VAL C 157 24.33 11.21 16.31
CA VAL C 157 23.46 10.06 16.56
C VAL C 157 22.08 10.54 16.94
N LYS C 158 21.08 9.97 16.28
CA LYS C 158 19.70 10.30 16.56
C LYS C 158 19.03 8.97 16.81
N VAL C 159 17.95 8.98 17.59
CA VAL C 159 17.25 7.75 17.92
C VAL C 159 15.77 7.85 17.55
N ALA C 160 15.29 6.87 16.81
CA ALA C 160 13.87 6.75 16.56
C ALA C 160 13.40 5.47 17.20
N SER C 161 12.37 5.60 18.01
CA SER C 161 11.79 4.43 18.66
C SER C 161 10.29 4.52 18.45
N LEU C 162 9.71 3.41 18.07
CA LEU C 162 8.29 3.38 17.78
C LEU C 162 7.51 3.61 19.07
N LEU C 163 7.71 2.74 20.05
CA LEU C 163 7.04 2.86 21.33
C LEU C 163 8.02 3.31 22.40
N VAL C 164 7.52 4.18 23.29
CA VAL C 164 8.19 4.54 24.53
C VAL C 164 7.20 4.35 25.66
N LYS C 165 7.51 3.47 26.60
CA LYS C 165 6.66 3.29 27.76
C LYS C 165 6.81 4.43 28.78
N ARG C 166 5.69 4.89 29.34
CA ARG C 166 5.74 5.80 30.47
C ARG C 166 5.99 4.97 31.69
N THR C 167 7.26 4.61 31.86
CA THR C 167 7.67 3.64 32.85
C THR C 167 8.71 4.32 33.74
N PRO C 168 8.81 3.90 35.02
CA PRO C 168 9.67 4.66 35.93
C PRO C 168 11.10 4.81 35.42
N ARG C 169 11.66 3.75 34.85
CA ARG C 169 13.03 3.78 34.42
C ARG C 169 13.24 4.80 33.33
N VAL C 171 16.85 5.88 32.44
CA VAL C 171 17.10 6.95 33.39
C VAL C 171 18.10 7.97 32.84
N GLY C 172 17.96 8.28 31.54
CA GLY C 172 18.77 9.27 30.86
C GLY C 172 18.17 9.85 29.58
N TYR C 173 18.72 9.44 28.43
CA TYR C 173 18.37 9.95 27.10
C TYR C 173 16.87 10.01 26.77
N LYS C 174 16.47 11.06 26.06
CA LYS C 174 15.11 11.21 25.55
C LYS C 174 15.11 10.95 24.04
N PRO C 175 14.42 9.89 23.59
CA PRO C 175 14.34 9.54 22.17
C PRO C 175 14.05 10.71 21.23
N ASP C 176 14.80 10.80 20.14
CA ASP C 176 14.64 11.87 19.16
C ASP C 176 13.35 11.78 18.37
N PHE C 177 12.98 10.57 17.99
CA PHE C 177 11.77 10.37 17.19
C PHE C 177 10.90 9.26 17.79
N VAL C 178 9.74 9.64 18.30
CA VAL C 178 8.88 8.69 18.99
C VAL C 178 7.53 8.55 18.32
N GLY C 179 7.21 7.36 17.81
CA GLY C 179 5.88 7.10 17.29
C GLY C 179 4.78 7.27 18.34
N PHE C 180 4.75 6.35 19.31
CA PHE C 180 3.71 6.33 20.32
C PHE C 180 4.28 6.22 21.74
N GLU C 181 3.67 6.94 22.68
CA GLU C 181 4.04 6.84 24.07
C GLU C 181 2.94 6.18 24.88
N ILE C 182 3.23 5.01 25.41
CA ILE C 182 2.18 4.11 25.93
C ILE C 182 2.24 3.85 27.43
N PRO C 183 1.14 3.29 27.99
CA PRO C 183 1.22 2.94 29.41
C PRO C 183 2.15 1.75 29.63
N ASP C 184 2.32 1.39 30.89
CA ASP C 184 3.15 0.26 31.26
C ASP C 184 2.25 -0.96 31.18
N LYS C 185 1.82 -1.26 29.96
CA LYS C 185 1.06 -2.44 29.63
C LYS C 185 1.95 -3.29 28.74
N PHE C 186 1.82 -4.62 28.82
CA PHE C 186 2.58 -5.46 27.90
C PHE C 186 1.85 -5.54 26.56
N VAL C 187 2.52 -5.11 25.52
CA VAL C 187 1.92 -5.08 24.20
C VAL C 187 2.73 -5.96 23.27
N VAL C 188 2.08 -6.46 22.22
CA VAL C 188 2.72 -7.38 21.28
C VAL C 188 2.31 -7.02 19.85
N GLY C 189 3.06 -7.53 18.87
CA GLY C 189 2.68 -7.33 17.50
C GLY C 189 3.55 -6.29 16.83
N TYR C 190 3.36 -6.10 15.54
CA TYR C 190 4.21 -5.23 14.73
C TYR C 190 5.69 -5.50 15.00
N ALA C 191 5.99 -6.79 15.06
CA ALA C 191 7.32 -7.37 15.29
C ALA C 191 7.73 -7.46 16.76
N LEU C 192 6.95 -6.83 17.64
CA LEU C 192 7.16 -6.97 19.08
C LEU C 192 6.59 -8.31 19.51
N ASP C 193 7.29 -8.96 20.44
CA ASP C 193 6.97 -10.34 20.78
C ASP C 193 6.69 -10.59 22.25
N TYR C 194 6.15 -11.77 22.51
CA TYR C 194 6.15 -12.37 23.83
C TYR C 194 6.64 -13.77 23.57
N ASN C 195 7.89 -14.04 23.95
CA ASN C 195 8.49 -15.37 23.76
C ASN C 195 8.64 -15.78 22.31
N GLU C 196 8.97 -14.80 21.47
CA GLU C 196 9.09 -15.00 20.01
C GLU C 196 7.76 -15.13 19.27
N TYR C 197 6.65 -15.21 20.00
CA TYR C 197 5.35 -15.18 19.34
C TYR C 197 4.85 -13.76 19.14
N PHE C 198 3.82 -13.63 18.33
CA PHE C 198 3.21 -12.35 18.01
C PHE C 198 4.03 -11.42 17.10
N ARG C 199 5.22 -11.82 16.67
CA ARG C 199 5.96 -10.99 15.71
C ARG C 199 5.22 -10.92 14.38
N ASP C 200 4.44 -11.96 14.10
CA ASP C 200 3.73 -12.08 12.83
C ASP C 200 2.33 -11.46 12.89
N LEU C 201 2.20 -10.38 13.66
CA LEU C 201 0.92 -9.69 13.82
C LEU C 201 1.13 -8.25 13.37
N ASN C 202 0.22 -7.71 12.56
CA ASN C 202 0.47 -6.39 12.02
C ASN C 202 0.04 -5.25 12.96
N HIS C 203 -0.91 -5.53 13.83
CA HIS C 203 -1.42 -4.55 14.77
C HIS C 203 -0.63 -4.70 16.08
N VAL C 204 -0.55 -3.64 16.85
CA VAL C 204 -0.05 -3.77 18.21
C VAL C 204 -1.24 -4.03 19.11
N CYS C 205 -1.18 -5.13 19.84
CA CYS C 205 -2.29 -5.52 20.69
C CYS C 205 -1.84 -5.84 22.10
N VAL C 206 -2.80 -5.83 23.01
CA VAL C 206 -2.56 -6.20 24.38
C VAL C 206 -2.75 -7.70 24.44
N ILE C 207 -1.77 -8.39 25.03
CA ILE C 207 -1.89 -9.82 25.18
C ILE C 207 -2.97 -10.12 26.21
N SER C 208 -3.67 -11.23 26.05
CA SER C 208 -4.67 -11.63 27.00
C SER C 208 -3.99 -12.50 28.06
N GLU C 209 -4.67 -12.72 29.18
CA GLU C 209 -4.13 -13.55 30.25
C GLU C 209 -3.99 -15.00 29.83
N THR C 210 -4.85 -15.45 28.93
CA THR C 210 -4.72 -16.79 28.37
C THR C 210 -3.55 -16.83 27.38
N GLY C 211 -3.22 -15.67 26.81
CA GLY C 211 -2.13 -15.59 25.86
C GLY C 211 -0.80 -15.65 26.56
N LYS C 212 -0.73 -15.03 27.73
CA LYS C 212 0.45 -15.11 28.58
C LYS C 212 0.70 -16.54 28.99
N ALA C 213 -0.37 -17.27 29.28
CA ALA C 213 -0.23 -18.64 29.80
C ALA C 213 0.19 -19.62 28.71
N LYS C 214 -0.31 -19.44 27.50
CA LYS C 214 -0.07 -20.40 26.45
C LYS C 214 1.34 -20.34 25.86
N TYR C 215 1.91 -19.15 25.78
CA TYR C 215 3.25 -18.99 25.21
C TYR C 215 4.30 -18.68 26.27
N LYS C 216 4.02 -19.11 27.49
CA LYS C 216 4.88 -18.79 28.62
C LYS C 216 6.13 -19.64 28.61
N ALA C 217 7.25 -19.02 28.99
CA ALA C 217 8.49 -19.75 29.19
C ALA C 217 8.56 -20.21 30.63
N ARG D 3 -26.60 -6.09 11.73
CA ARG D 3 -25.22 -6.51 12.00
C ARG D 3 -24.53 -5.51 12.93
N SER D 4 -23.28 -5.81 13.29
CA SER D 4 -22.44 -4.98 14.18
C SER D 4 -22.38 -3.49 13.83
N PRO D 5 -22.41 -2.63 14.87
CA PRO D 5 -22.31 -1.16 14.78
C PRO D 5 -20.92 -0.63 14.41
N GLY D 6 -19.94 -1.51 14.15
CA GLY D 6 -18.62 -1.04 13.79
C GLY D 6 -17.91 -0.31 14.92
N VAL D 7 -16.80 0.36 14.60
CA VAL D 7 -16.01 1.02 15.63
C VAL D 7 -16.80 2.17 16.26
N VAL D 8 -17.20 1.99 17.51
CA VAL D 8 -17.93 3.03 18.22
C VAL D 8 -16.96 4.08 18.77
N ILE D 9 -17.04 5.29 18.23
CA ILE D 9 -16.19 6.38 18.63
C ILE D 9 -17.05 7.25 19.51
N SER D 10 -16.56 7.56 20.70
CA SER D 10 -17.42 8.18 21.73
C SER D 10 -17.61 9.67 21.53
N ASP D 11 -18.59 10.21 22.23
CA ASP D 11 -18.91 11.64 22.17
C ASP D 11 -17.77 12.53 22.64
N ASP D 12 -16.96 11.97 23.53
CA ASP D 12 -15.89 12.71 24.15
C ASP D 12 -14.54 12.28 23.64
N GLU D 13 -14.54 11.53 22.53
CA GLU D 13 -13.32 11.17 21.83
C GLU D 13 -12.54 12.41 21.43
N PRO D 14 -11.25 12.46 21.80
CA PRO D 14 -10.46 13.70 21.63
C PRO D 14 -9.80 13.82 20.26
N GLY D 15 -9.58 12.69 19.61
CA GLY D 15 -8.86 12.71 18.36
C GLY D 15 -7.38 12.85 18.61
N TYR D 16 -6.65 13.19 17.56
CA TYR D 16 -5.20 13.29 17.62
C TYR D 16 -4.78 14.65 17.13
N ASP D 17 -3.74 15.21 17.74
CA ASP D 17 -3.21 16.49 17.35
C ASP D 17 -2.62 16.44 15.94
N LEU D 18 -2.97 17.44 15.14
CA LEU D 18 -2.56 17.51 13.74
C LEU D 18 -1.07 17.41 13.52
N ASP D 19 -0.30 17.99 14.44
CA ASP D 19 1.17 18.06 14.34
C ASP D 19 1.82 16.69 14.36
N LEU D 20 1.05 15.68 14.73
CA LEU D 20 1.53 14.30 14.75
C LEU D 20 1.39 13.57 13.41
N PHE D 21 0.68 14.16 12.44
CA PHE D 21 0.46 13.49 11.17
C PHE D 21 0.91 14.26 9.94
N CYS D 22 0.95 13.57 8.81
CA CYS D 22 1.22 14.24 7.53
C CYS D 22 -0.08 14.82 7.02
N ILE D 23 -0.08 16.14 6.82
CA ILE D 23 -1.28 16.90 6.51
C ILE D 23 -1.00 17.91 5.43
N PRO D 24 -1.89 17.98 4.42
CA PRO D 24 -1.82 18.96 3.34
C PRO D 24 -1.65 20.36 3.92
N ASN D 25 -0.62 21.06 3.47
CA ASN D 25 -0.32 22.38 4.01
C ASN D 25 -1.50 23.34 3.86
N HIS D 26 -2.33 23.12 2.84
CA HIS D 26 -3.41 24.05 2.53
C HIS D 26 -4.64 23.84 3.40
N TYR D 27 -4.57 22.84 4.28
CA TYR D 27 -5.67 22.56 5.20
C TYR D 27 -5.20 22.68 6.64
N ALA D 28 -3.93 23.07 6.80
CA ALA D 28 -3.27 23.20 8.10
C ALA D 28 -4.12 23.86 9.19
N GLU D 29 -4.67 25.03 8.88
CA GLU D 29 -5.37 25.80 9.90
C GLU D 29 -6.88 25.63 9.82
N ASP D 30 -7.35 24.90 8.81
CA ASP D 30 -8.78 24.70 8.64
C ASP D 30 -9.30 23.51 9.43
N LEU D 31 -8.37 22.70 9.94
CA LEU D 31 -8.72 21.51 10.71
C LEU D 31 -8.35 21.67 12.17
N GLU D 32 -9.08 20.98 13.04
CA GLU D 32 -8.80 21.04 14.46
C GLU D 32 -7.99 19.80 14.84
N ARG D 33 -8.60 18.63 14.67
CA ARG D 33 -7.94 17.38 15.03
C ARG D 33 -8.11 16.39 13.91
N VAL D 34 -7.23 15.39 13.90
CA VAL D 34 -7.43 14.20 13.10
C VAL D 34 -8.36 13.30 13.91
N PHE D 35 -9.47 12.89 13.30
CA PHE D 35 -10.53 12.19 14.03
C PHE D 35 -10.45 10.70 13.81
N ILE D 36 -10.33 10.29 12.55
CA ILE D 36 -10.10 8.89 12.21
C ILE D 36 -8.94 8.85 11.25
N PRO D 37 -7.76 8.42 11.72
CA PRO D 37 -6.57 8.33 10.85
C PRO D 37 -6.86 7.45 9.65
N HIS D 38 -6.30 7.82 8.50
CA HIS D 38 -6.51 7.07 7.26
C HIS D 38 -6.22 5.58 7.40
N GLY D 39 -5.20 5.26 8.19
CA GLY D 39 -4.80 3.88 8.38
C GLY D 39 -5.82 3.11 9.20
N LEU D 40 -6.41 3.77 10.18
CA LEU D 40 -7.47 3.16 10.97
C LEU D 40 -8.65 2.85 10.03
N ILE D 41 -8.93 3.77 9.10
CA ILE D 41 -9.97 3.54 8.11
C ILE D 41 -9.59 2.27 7.35
N MET D 42 -8.33 2.20 6.92
CA MET D 42 -7.84 1.03 6.20
C MET D 42 -8.00 -0.31 6.95
N ASP D 43 -7.61 -0.35 8.23
CA ASP D 43 -7.65 -1.60 8.97
C ASP D 43 -9.09 -2.03 9.21
N ARG D 44 -9.95 -1.04 9.46
CA ARG D 44 -11.37 -1.33 9.60
C ARG D 44 -11.95 -1.84 8.28
N THR D 45 -11.58 -1.17 7.18
CA THR D 45 -12.03 -1.53 5.84
C THR D 45 -11.63 -2.95 5.42
N GLU D 46 -10.40 -3.35 5.76
CA GLU D 46 -9.95 -4.70 5.47
C GLU D 46 -10.88 -5.75 6.05
N ARG D 47 -11.41 -5.47 7.25
CA ARG D 47 -12.26 -6.43 7.94
C ARG D 47 -13.67 -6.39 7.38
N LEU D 48 -14.19 -5.18 7.20
CA LEU D 48 -15.50 -4.96 6.58
C LEU D 48 -15.58 -5.74 5.25
N ALA D 49 -14.50 -5.74 4.49
CA ALA D 49 -14.43 -6.49 3.24
C ALA D 49 -14.72 -7.97 3.42
N ARG D 50 -14.20 -8.55 4.49
CA ARG D 50 -14.32 -9.99 4.71
C ARG D 50 -15.74 -10.31 5.17
N ASP D 51 -16.34 -9.38 5.89
CA ASP D 51 -17.69 -9.57 6.38
C ASP D 51 -18.65 -9.48 5.22
N VAL D 52 -18.37 -8.57 4.31
CA VAL D 52 -19.13 -8.43 3.07
C VAL D 52 -19.08 -9.73 2.29
N MET D 53 -17.88 -10.23 2.05
CA MET D 53 -17.73 -11.47 1.31
C MET D 53 -18.38 -12.67 1.99
N LYS D 54 -18.42 -12.67 3.32
CA LYS D 54 -19.03 -13.78 4.02
C LYS D 54 -20.55 -13.75 3.84
N GLU D 55 -21.10 -12.58 3.55
CA GLU D 55 -22.56 -12.43 3.41
C GLU D 55 -22.98 -12.53 1.96
N MET D 56 -22.15 -12.00 1.08
CA MET D 56 -22.57 -11.69 -0.28
C MET D 56 -21.78 -12.47 -1.31
N GLY D 57 -20.85 -13.29 -0.86
CA GLY D 57 -19.91 -13.91 -1.78
C GLY D 57 -20.46 -15.12 -2.52
N GLY D 58 -21.73 -15.44 -2.30
CA GLY D 58 -22.31 -16.62 -2.90
C GLY D 58 -22.86 -16.38 -4.30
N HIS D 59 -23.10 -15.12 -4.65
CA HIS D 59 -23.56 -14.78 -5.98
C HIS D 59 -22.81 -13.57 -6.52
N HIS D 60 -22.89 -13.40 -7.84
CA HIS D 60 -22.31 -12.24 -8.50
C HIS D 60 -22.60 -10.98 -7.69
N ILE D 61 -21.55 -10.26 -7.31
CA ILE D 61 -21.74 -8.97 -6.63
C ILE D 61 -21.59 -7.79 -7.57
N VAL D 62 -22.56 -6.88 -7.52
CA VAL D 62 -22.45 -5.58 -8.18
C VAL D 62 -22.20 -4.54 -7.10
N ALA D 63 -21.07 -3.86 -7.15
CA ALA D 63 -20.82 -2.80 -6.18
C ALA D 63 -21.26 -1.46 -6.71
N LEU D 64 -22.13 -0.81 -5.93
CA LEU D 64 -22.70 0.44 -6.35
C LEU D 64 -22.16 1.55 -5.44
N CYS D 65 -21.31 2.40 -6.01
CA CYS D 65 -20.67 3.53 -5.37
C CYS D 65 -21.55 4.77 -5.34
N VAL D 66 -21.81 5.30 -4.14
CA VAL D 66 -22.64 6.50 -4.00
C VAL D 66 -21.75 7.74 -4.06
N LEU D 67 -21.71 8.37 -5.23
CA LEU D 67 -20.96 9.59 -5.49
C LEU D 67 -21.53 10.74 -4.66
N LYS D 68 -20.68 11.72 -4.28
CA LYS D 68 -19.24 11.75 -4.55
C LYS D 68 -18.37 11.29 -3.38
N GLY D 69 -18.85 11.52 -2.16
CA GLY D 69 -18.05 11.26 -0.97
C GLY D 69 -17.77 9.79 -0.68
N GLY D 70 -18.46 8.91 -1.38
CA GLY D 70 -18.25 7.49 -1.22
C GLY D 70 -17.10 6.93 -2.04
N TYR D 71 -16.52 7.73 -2.94
CA TYR D 71 -15.53 7.18 -3.88
C TYR D 71 -14.27 6.60 -3.20
N LYS D 72 -13.75 7.26 -2.18
CA LYS D 72 -12.58 6.71 -1.52
C LYS D 72 -12.87 5.37 -0.83
N PHE D 73 -13.91 5.34 0.00
CA PHE D 73 -14.32 4.11 0.67
C PHE D 73 -14.50 2.99 -0.33
N PHE D 74 -15.25 3.30 -1.38
CA PHE D 74 -15.59 2.34 -2.39
C PHE D 74 -14.34 1.70 -3.00
N ALA D 75 -13.39 2.55 -3.42
CA ALA D 75 -12.18 2.05 -4.06
C ALA D 75 -11.40 1.12 -3.12
N ASP D 76 -11.23 1.56 -1.87
CA ASP D 76 -10.48 0.79 -0.89
C ASP D 76 -11.18 -0.51 -0.53
N LEU D 77 -12.49 -0.42 -0.27
CA LEU D 77 -13.27 -1.62 0.05
C LEU D 77 -13.18 -2.64 -1.09
N LEU D 78 -13.31 -2.19 -2.34
CA LEU D 78 -13.22 -3.13 -3.43
C LEU D 78 -11.83 -3.70 -3.52
N ASP D 79 -10.85 -2.84 -3.30
CA ASP D 79 -9.48 -3.29 -3.37
C ASP D 79 -9.27 -4.43 -2.40
N TYR D 80 -9.84 -4.33 -1.19
CA TYR D 80 -9.73 -5.43 -0.25
C TYR D 80 -10.50 -6.66 -0.73
N ILE D 81 -11.77 -6.46 -1.08
CA ILE D 81 -12.59 -7.51 -1.68
C ILE D 81 -11.91 -8.24 -2.85
N LYS D 82 -11.25 -7.49 -3.72
CA LYS D 82 -10.45 -8.12 -4.77
C LYS D 82 -9.35 -9.00 -4.22
N ALA D 83 -8.66 -8.53 -3.18
CA ALA D 83 -7.54 -9.31 -2.66
C ALA D 83 -8.02 -10.65 -2.12
N LEU D 84 -9.15 -10.62 -1.42
CA LEU D 84 -9.79 -11.83 -0.91
C LEU D 84 -10.11 -12.77 -2.06
N ASN D 85 -10.65 -12.20 -3.14
CA ASN D 85 -11.07 -12.97 -4.31
C ASN D 85 -9.93 -13.59 -5.11
N ARG D 86 -8.78 -12.94 -5.15
CA ARG D 86 -7.67 -13.48 -5.92
C ARG D 86 -6.70 -14.24 -5.04
N ASN D 87 -7.03 -14.39 -3.77
CA ASN D 87 -6.18 -15.17 -2.89
C ASN D 87 -6.97 -16.37 -2.38
N SER D 88 -7.93 -16.78 -3.21
CA SER D 88 -8.81 -17.90 -2.94
C SER D 88 -9.14 -18.66 -4.23
N ASP D 89 -9.34 -19.97 -4.09
CA ASP D 89 -9.76 -20.81 -5.21
C ASP D 89 -11.22 -20.56 -5.49
N ARG D 90 -11.97 -20.25 -4.45
CA ARG D 90 -13.35 -19.85 -4.59
C ARG D 90 -13.36 -18.34 -4.83
N SER D 91 -14.08 -17.89 -5.85
CA SER D 91 -14.22 -16.47 -6.09
C SER D 91 -15.38 -16.19 -7.03
N ILE D 92 -16.26 -15.26 -6.64
CA ILE D 92 -17.31 -14.78 -7.54
C ILE D 92 -16.87 -13.54 -8.33
N PRO D 93 -17.43 -13.37 -9.53
CA PRO D 93 -17.13 -12.15 -10.28
C PRO D 93 -17.83 -10.94 -9.69
N MET D 94 -17.27 -9.76 -9.94
CA MET D 94 -17.79 -8.51 -9.41
C MET D 94 -17.83 -7.42 -10.48
N THR D 95 -18.95 -6.70 -10.56
CA THR D 95 -19.10 -5.59 -11.50
C THR D 95 -19.47 -4.32 -10.75
N VAL D 96 -19.13 -3.16 -11.33
CA VAL D 96 -19.35 -1.90 -10.61
C VAL D 96 -20.24 -0.90 -11.34
N ASP D 97 -20.88 -0.05 -10.54
CA ASP D 97 -21.66 1.06 -11.07
C ASP D 97 -21.65 2.23 -10.07
N PHE D 98 -22.18 3.37 -10.52
CA PHE D 98 -22.18 4.61 -9.75
C PHE D 98 -23.55 5.30 -9.78
N ILE D 99 -23.82 6.12 -8.78
CA ILE D 99 -24.99 7.01 -8.72
C ILE D 99 -24.67 8.20 -7.80
N ARG D 100 -25.20 9.35 -8.13
CA ARG D 100 -25.08 10.50 -7.25
C ARG D 100 -26.51 10.93 -6.96
N LEU D 101 -26.76 11.43 -5.75
CA LEU D 101 -28.11 11.83 -5.38
C LEU D 101 -28.21 13.31 -5.07
N LYS D 114 -32.61 14.74 -6.74
CA LYS D 114 -32.72 13.78 -7.84
C LYS D 114 -31.50 12.87 -7.97
N VAL D 115 -31.67 11.83 -8.79
CA VAL D 115 -30.61 10.87 -9.07
C VAL D 115 -29.81 11.32 -10.28
N ILE D 116 -28.51 11.09 -10.26
CA ILE D 116 -27.69 11.24 -11.46
C ILE D 116 -27.01 9.90 -11.79
N GLY D 117 -26.86 9.62 -13.08
CA GLY D 117 -26.28 8.36 -13.49
C GLY D 117 -27.29 7.22 -13.46
N ASP D 120 -28.19 3.25 -16.75
CA ASP D 120 -28.55 1.84 -16.84
C ASP D 120 -28.18 1.07 -15.57
N LEU D 121 -29.10 1.11 -14.60
CA LEU D 121 -28.96 0.37 -13.36
C LEU D 121 -29.53 -1.03 -13.48
N SER D 122 -29.74 -1.48 -14.71
CA SER D 122 -30.32 -2.79 -15.01
C SER D 122 -29.30 -3.88 -14.72
N THR D 123 -28.04 -3.48 -14.61
CA THR D 123 -26.96 -4.38 -14.27
C THR D 123 -27.10 -4.91 -12.83
N LEU D 124 -28.04 -4.33 -12.10
CA LEU D 124 -28.31 -4.70 -10.71
C LEU D 124 -29.19 -5.94 -10.61
N THR D 125 -30.00 -6.17 -11.64
CA THR D 125 -31.07 -7.16 -11.61
C THR D 125 -30.55 -8.59 -11.38
N GLY D 126 -31.20 -9.30 -10.47
CA GLY D 126 -30.81 -10.66 -10.13
C GLY D 126 -29.46 -10.78 -9.41
N LYS D 127 -28.82 -9.66 -9.12
CA LYS D 127 -27.49 -9.74 -8.54
C LYS D 127 -27.48 -9.42 -7.06
N ASN D 128 -26.33 -9.67 -6.44
CA ASN D 128 -26.11 -9.29 -5.05
C ASN D 128 -25.52 -7.89 -5.04
N VAL D 129 -26.30 -6.94 -4.55
CA VAL D 129 -25.92 -5.53 -4.66
C VAL D 129 -25.41 -4.98 -3.34
N LEU D 130 -24.23 -4.38 -3.41
CA LEU D 130 -23.58 -3.78 -2.26
C LEU D 130 -23.47 -2.30 -2.56
N ILE D 131 -24.23 -1.50 -1.82
CA ILE D 131 -24.18 -0.05 -1.94
C ILE D 131 -23.11 0.47 -1.00
N VAL D 132 -22.25 1.34 -1.52
CA VAL D 132 -21.15 1.87 -0.71
C VAL D 132 -21.23 3.38 -0.49
N GLU D 133 -21.60 3.77 0.72
CA GLU D 133 -21.82 5.18 1.03
C GLU D 133 -20.79 5.71 2.06
N ASP D 134 -20.56 7.02 2.06
CA ASP D 134 -19.61 7.64 2.97
C ASP D 134 -20.20 7.75 4.37
N ILE D 135 -21.37 8.36 4.47
CA ILE D 135 -21.94 8.66 5.77
C ILE D 135 -23.46 8.65 5.77
N ILE D 136 -24.03 8.07 6.81
CA ILE D 136 -25.47 8.07 7.04
C ILE D 136 -25.73 8.95 8.25
N ASP D 137 -26.55 9.97 8.05
CA ASP D 137 -26.83 10.92 9.10
C ASP D 137 -28.30 10.74 9.42
N THR D 138 -29.16 11.54 8.80
CA THR D 138 -30.61 11.41 8.97
C THR D 138 -31.11 10.10 8.38
N GLY D 139 -30.40 9.60 7.38
CA GLY D 139 -30.75 8.33 6.77
C GLY D 139 -31.68 8.47 5.58
N LYS D 140 -32.09 9.71 5.29
CA LYS D 140 -33.05 9.93 4.23
C LYS D 140 -32.45 9.50 2.90
N THR D 141 -31.22 9.91 2.65
CA THR D 141 -30.54 9.60 1.41
C THR D 141 -30.52 8.10 1.13
N MET D 142 -30.23 7.29 2.14
CA MET D 142 -30.12 5.86 1.87
C MET D 142 -31.48 5.25 1.56
N GLN D 143 -32.49 5.59 2.35
CA GLN D 143 -33.85 5.14 2.10
C GLN D 143 -34.33 5.55 0.71
N THR D 144 -34.08 6.81 0.36
CA THR D 144 -34.37 7.34 -0.97
C THR D 144 -33.71 6.49 -2.06
N LEU D 145 -32.45 6.14 -1.87
CA LEU D 145 -31.72 5.36 -2.88
C LEU D 145 -32.23 3.93 -2.96
N LEU D 146 -32.45 3.29 -1.81
CA LEU D 146 -32.98 1.94 -1.79
C LEU D 146 -34.35 1.89 -2.47
N SER D 147 -35.08 3.01 -2.43
CA SER D 147 -36.36 3.13 -3.12
C SER D 147 -36.18 2.92 -4.60
N LEU D 148 -35.02 3.32 -5.11
CA LEU D 148 -34.75 3.24 -6.54
C LEU D 148 -34.20 1.87 -6.90
N VAL D 149 -33.18 1.46 -6.15
CA VAL D 149 -32.49 0.20 -6.41
C VAL D 149 -33.45 -0.98 -6.31
N ARG D 150 -34.30 -0.96 -5.30
CA ARG D 150 -35.21 -2.07 -5.09
C ARG D 150 -36.10 -2.40 -6.29
N GLN D 151 -36.37 -1.39 -7.12
CA GLN D 151 -37.27 -1.61 -8.25
C GLN D 151 -36.46 -1.88 -9.52
N TYR D 152 -35.23 -2.34 -9.33
CA TYR D 152 -34.44 -2.95 -10.39
C TYR D 152 -34.28 -4.42 -10.07
N ASN D 153 -35.14 -4.90 -9.17
CA ASN D 153 -35.14 -6.28 -8.72
C ASN D 153 -33.76 -6.95 -8.58
N PRO D 154 -32.99 -6.54 -7.56
CA PRO D 154 -31.72 -7.22 -7.32
C PRO D 154 -32.01 -8.50 -6.55
N LYS D 155 -31.06 -9.42 -6.46
CA LYS D 155 -31.33 -10.64 -5.74
C LYS D 155 -31.37 -10.29 -4.28
N MET D 156 -30.52 -9.34 -3.90
CA MET D 156 -30.27 -9.04 -2.50
C MET D 156 -29.63 -7.65 -2.43
N VAL D 157 -30.09 -6.78 -1.54
CA VAL D 157 -29.42 -5.51 -1.34
C VAL D 157 -28.77 -5.40 0.05
N LYS D 158 -27.54 -4.89 0.06
CA LYS D 158 -26.78 -4.69 1.30
C LYS D 158 -26.14 -3.31 1.29
N VAL D 159 -26.22 -2.60 2.41
CA VAL D 159 -25.58 -1.30 2.47
C VAL D 159 -24.37 -1.26 3.40
N ALA D 160 -23.23 -0.80 2.87
CA ALA D 160 -22.04 -0.53 3.68
C ALA D 160 -21.76 0.96 3.71
N SER D 161 -21.73 1.55 4.90
CA SER D 161 -21.38 2.94 5.03
C SER D 161 -20.14 3.10 5.90
N LEU D 162 -19.20 3.92 5.46
CA LEU D 162 -17.98 4.08 6.24
C LEU D 162 -18.33 4.71 7.58
N LEU D 163 -19.23 5.70 7.57
CA LEU D 163 -19.62 6.38 8.78
C LEU D 163 -21.13 6.39 9.03
N VAL D 164 -21.51 6.25 10.29
CA VAL D 164 -22.89 6.45 10.70
C VAL D 164 -22.93 7.44 11.84
N LYS D 165 -23.73 8.49 11.71
CA LYS D 165 -23.85 9.48 12.76
C LYS D 165 -24.90 9.14 13.82
N ARG D 166 -24.50 9.23 15.10
CA ARG D 166 -25.44 9.13 16.20
C ARG D 166 -26.13 10.47 16.37
N THR D 167 -27.31 10.60 15.78
CA THR D 167 -28.05 11.85 15.87
C THR D 167 -29.50 11.54 16.24
N PRO D 168 -30.15 12.42 17.02
CA PRO D 168 -31.57 12.21 17.34
C PRO D 168 -32.43 12.37 16.08
N ARG D 169 -31.86 12.98 15.04
CA ARG D 169 -32.53 13.09 13.75
C ARG D 169 -32.47 11.80 12.94
N SER D 170 -31.77 10.79 13.48
CA SER D 170 -31.69 9.49 12.82
C SER D 170 -33.10 8.97 12.61
N VAL D 171 -33.52 8.91 11.35
CA VAL D 171 -34.88 8.53 11.00
C VAL D 171 -35.14 7.09 11.41
N GLY D 172 -34.07 6.36 11.67
CA GLY D 172 -34.18 4.98 12.11
C GLY D 172 -33.44 4.03 11.19
N TYR D 173 -33.11 4.47 9.98
CA TYR D 173 -32.44 3.59 9.02
C TYR D 173 -31.03 3.22 9.47
N LYS D 174 -30.71 1.93 9.36
CA LYS D 174 -29.39 1.43 9.71
C LYS D 174 -28.87 0.49 8.63
N PRO D 175 -27.59 0.64 8.26
CA PRO D 175 -26.93 -0.15 7.23
C PRO D 175 -26.52 -1.55 7.72
N ASP D 176 -25.80 -2.29 6.89
CA ASP D 176 -25.53 -3.68 7.19
C ASP D 176 -24.06 -3.81 7.55
N PHE D 177 -23.27 -2.92 6.98
CA PHE D 177 -21.87 -2.83 7.35
C PHE D 177 -21.54 -1.38 7.68
N VAL D 178 -20.89 -1.19 8.83
CA VAL D 178 -20.54 0.14 9.32
C VAL D 178 -19.05 0.20 9.62
N GLY D 179 -18.36 1.19 9.10
CA GLY D 179 -16.98 1.36 9.48
C GLY D 179 -16.87 1.80 10.91
N PHE D 180 -17.44 2.98 11.18
CA PHE D 180 -17.32 3.64 12.45
C PHE D 180 -18.70 4.21 12.82
N GLU D 181 -18.99 4.33 14.10
CA GLU D 181 -20.19 5.05 14.55
C GLU D 181 -19.74 6.30 15.30
N ILE D 182 -19.96 7.44 14.67
CA ILE D 182 -19.37 8.70 15.14
C ILE D 182 -20.33 9.59 15.97
N PRO D 183 -19.76 10.52 16.72
CA PRO D 183 -20.54 11.57 17.39
C PRO D 183 -21.15 12.54 16.40
N ASP D 184 -22.10 13.33 16.87
CA ASP D 184 -22.73 14.37 16.06
C ASP D 184 -21.77 15.53 15.91
N LYS D 185 -20.83 15.40 14.99
CA LYS D 185 -19.78 16.38 14.77
C LYS D 185 -19.54 16.42 13.29
N PHE D 186 -19.40 17.61 12.72
CA PHE D 186 -19.12 17.67 11.31
C PHE D 186 -17.70 17.24 11.03
N VAL D 187 -17.58 16.16 10.27
CA VAL D 187 -16.28 15.58 9.97
C VAL D 187 -15.98 15.62 8.48
N VAL D 188 -14.73 15.86 8.12
CA VAL D 188 -14.35 15.94 6.72
C VAL D 188 -13.12 15.08 6.48
N GLY D 189 -12.77 14.90 5.20
CA GLY D 189 -11.64 14.06 4.83
C GLY D 189 -12.08 12.70 4.28
N TYR D 190 -11.15 11.98 3.68
CA TYR D 190 -11.45 10.69 3.04
C TYR D 190 -12.67 10.82 2.11
N ALA D 191 -12.62 11.81 1.22
CA ALA D 191 -13.71 12.16 0.27
C ALA D 191 -14.95 12.88 0.86
N LEU D 192 -15.23 12.69 2.15
CA LEU D 192 -16.27 13.49 2.80
C LEU D 192 -15.93 14.97 2.65
N ASP D 193 -16.94 15.79 2.42
CA ASP D 193 -16.69 17.18 2.03
C ASP D 193 -17.30 18.24 2.92
N TYR D 194 -16.80 19.46 2.76
CA TYR D 194 -17.48 20.63 3.25
C TYR D 194 -17.51 21.64 2.12
N ASN D 195 -18.69 21.86 1.55
CA ASN D 195 -18.81 22.61 0.33
C ASN D 195 -17.71 22.24 -0.65
N GLU D 196 -17.58 20.94 -0.88
CA GLU D 196 -16.68 20.38 -1.88
C GLU D 196 -15.22 20.46 -1.50
N TYR D 197 -14.94 21.06 -0.35
CA TYR D 197 -13.59 21.07 0.20
C TYR D 197 -13.35 19.88 1.10
N PHE D 198 -12.08 19.53 1.23
CA PHE D 198 -11.60 18.46 2.10
C PHE D 198 -11.72 17.05 1.52
N ARG D 199 -12.16 16.93 0.27
CA ARG D 199 -12.21 15.62 -0.38
C ARG D 199 -10.78 15.08 -0.58
N ASP D 200 -9.85 15.99 -0.86
CA ASP D 200 -8.46 15.63 -1.08
C ASP D 200 -7.72 15.52 0.23
N LEU D 201 -8.23 14.70 1.13
CA LEU D 201 -7.63 14.53 2.44
C LEU D 201 -7.69 13.05 2.78
N ASN D 202 -6.61 12.53 3.36
CA ASN D 202 -6.46 11.11 3.70
C ASN D 202 -7.28 10.72 4.92
N HIS D 203 -7.13 11.52 5.98
CA HIS D 203 -7.72 11.24 7.28
C HIS D 203 -9.10 11.85 7.38
N VAL D 204 -9.94 11.25 8.21
CA VAL D 204 -11.19 11.90 8.59
C VAL D 204 -10.90 12.78 9.80
N CYS D 205 -11.32 14.04 9.71
CA CYS D 205 -10.87 15.07 10.64
C CYS D 205 -12.01 16.03 10.94
N VAL D 206 -11.79 16.89 11.93
CA VAL D 206 -12.83 17.83 12.33
C VAL D 206 -12.41 19.25 11.97
N ILE D 207 -13.32 19.98 11.33
CA ILE D 207 -12.99 21.30 10.83
C ILE D 207 -12.85 22.25 11.98
N SER D 208 -11.88 23.16 11.88
CA SER D 208 -11.76 24.21 12.86
C SER D 208 -12.86 25.24 12.59
N GLU D 209 -12.94 26.25 13.45
CA GLU D 209 -13.94 27.29 13.27
C GLU D 209 -13.56 28.20 12.10
N THR D 210 -12.26 28.32 11.85
CA THR D 210 -11.78 29.15 10.76
C THR D 210 -12.10 28.51 9.41
N GLY D 211 -11.80 27.23 9.28
CA GLY D 211 -12.09 26.51 8.06
C GLY D 211 -13.58 26.42 7.78
N LYS D 212 -14.37 26.35 8.85
CA LYS D 212 -15.82 26.21 8.74
C LYS D 212 -16.46 27.51 8.28
N ALA D 213 -16.04 28.62 8.88
CA ALA D 213 -16.55 29.94 8.48
C ALA D 213 -16.01 30.31 7.10
N LYS D 214 -14.85 29.75 6.76
CA LYS D 214 -14.22 29.99 5.48
C LYS D 214 -15.10 29.49 4.33
N TYR D 215 -15.50 28.21 4.40
CA TYR D 215 -16.12 27.53 3.28
C TYR D 215 -17.66 27.45 3.28
N LYS D 216 -18.31 28.08 4.27
CA LYS D 216 -19.77 27.97 4.41
C LYS D 216 -20.55 28.37 3.14
N ALA D 217 -21.56 27.58 2.79
CA ALA D 217 -22.36 27.81 1.60
C ALA D 217 -23.22 29.07 1.76
OAF 3L8 E . 25.14 -8.12 2.77
PBA 3L8 E . 24.67 -8.77 1.42
OAG 3L8 E . 24.96 -7.79 0.23
OAC 3L8 E . 23.21 -9.11 1.49
CAP 3L8 E . 25.62 -10.33 1.07
OAT 3L8 E . 25.32 -11.00 -0.12
CAJ 3L8 E . 26.34 -11.25 -1.03
CAK 3L8 E . 26.49 -12.69 -1.44
NAX 3L8 E . 26.69 -13.02 -2.84
CAM 3L8 E . 26.64 -14.46 -3.02
CAO 3L8 E . 25.67 -15.10 -3.98
PAZ 3L8 E . 26.08 -16.82 -4.46
OAD 3L8 E . 26.66 -17.62 -3.26
OAE 3L8 E . 24.81 -17.58 -4.94
OAB 3L8 E . 27.10 -16.77 -5.56
CAL 3L8 E . 25.76 -12.28 -3.70
CAN 3L8 E . 26.44 -11.14 -4.48
N9 3L8 E . 25.95 -10.87 -5.83
C4 3L8 E . 25.30 -9.68 -6.20
N3 3L8 E . 24.97 -8.58 -5.45
C2 3L8 E . 24.31 -7.58 -6.07
N1 3L8 E . 24.00 -7.64 -7.37
C6 3L8 E . 24.30 -8.70 -8.15
O6 3L8 E . 23.96 -8.71 -9.47
C5 3L8 E . 25.00 -9.79 -7.53
N7 3L8 E . 25.46 -11.00 -7.99
C8 3L8 E . 26.04 -11.65 -6.93
MG MG F . 26.89 -7.85 -1.34
MG MG G . 22.49 -11.98 -0.13
OAF 3L8 H . -17.13 3.47 -19.07
PBA 3L8 H . -15.94 2.80 -19.86
OAG 3L8 H . -15.78 1.31 -19.38
OAC 3L8 H . -14.65 3.53 -19.64
CAP 3L8 H . -16.37 2.84 -21.67
OAT 3L8 H . -16.19 4.02 -22.41
CAJ 3L8 H . -15.79 3.94 -23.75
CAK 3L8 H . -14.35 4.21 -24.05
NAX 3L8 H . -13.83 3.78 -25.34
CAM 3L8 H . -13.48 4.93 -26.17
CAO 3L8 H . -12.03 5.24 -26.46
PAZ 3L8 H . -11.76 6.30 -27.93
OAD 3L8 H . -12.92 7.33 -27.99
OAE 3L8 H . -11.79 5.40 -29.14
OAB 3L8 H . -10.42 7.07 -27.92
CAL 3L8 H . -12.70 2.86 -25.17
CAN 3L8 H . -12.88 1.50 -25.85
N9 3L8 H . -11.66 0.68 -25.97
C4 3L8 H . -11.30 -0.32 -25.06
N3 3L8 H . -11.93 -0.79 -23.92
C2 3L8 H . -11.34 -1.79 -23.25
N1 3L8 H . -10.17 -2.32 -23.66
C6 3L8 H . -9.50 -1.90 -24.76
O6 3L8 H . -8.30 -2.47 -25.14
C5 3L8 H . -10.11 -0.84 -25.51
N7 3L8 H . -9.76 -0.17 -26.67
C8 3L8 H . -10.72 0.77 -26.93
MG MG I . -17.04 -0.50 -22.33
MG MG J . -12.97 4.83 -21.00
OAF 3L8 K . 12.54 -9.42 21.13
PBA 3L8 K . 13.88 -8.62 20.93
OAG 3L8 K . 14.78 -9.33 19.83
OAC 3L8 K . 13.58 -7.21 20.48
CAP 3L8 K . 14.78 -8.62 22.56
OAT 3L8 K . 14.19 -8.05 23.71
CAJ 3L8 K . 13.39 -6.89 23.58
CAK 3L8 K . 13.98 -5.57 23.95
NAX 3L8 K . 13.58 -5.00 25.24
CAM 3L8 K . 14.10 -3.64 25.36
CAO 3L8 K . 13.43 -2.69 26.32
PAZ 3L8 K . 14.49 -1.76 27.50
OAD 3L8 K . 15.97 -2.16 27.29
OAE 3L8 K . 14.37 -0.23 27.23
OAB 3L8 K . 14.04 -2.05 28.91
CAL 3L8 K . 12.12 -4.94 25.32
CAN 3L8 K . 11.41 -5.40 26.59
N9 3L8 K . 9.99 -5.01 26.73
C4 3L8 K . 8.93 -5.47 25.95
N3 3L8 K . 8.90 -6.38 24.91
C2 3L8 K . 7.71 -6.65 24.34
N1 3L8 K . 6.57 -6.06 24.76
C6 3L8 K . 6.53 -5.16 25.75
O6 3L8 K . 5.32 -4.59 26.12
C5 3L8 K . 7.77 -4.86 26.40
N7 3L8 K . 8.15 -4.01 27.45
C8 3L8 K . 9.51 -4.12 27.61
MG MG L . 11.49 -11.19 23.62
MG MG M . 14.79 -2.89 21.28
OAF 3L8 N . -21.05 15.16 -0.87
PBA 3L8 N . -21.91 13.85 -1.05
OAG 3L8 N . -21.68 13.33 -2.44
OAC 3L8 N . -21.54 12.74 0.00
CAP 3L8 N . -23.68 14.28 -0.76
OAT 3L8 N . -24.04 14.54 0.58
CAJ 3L8 N . -23.90 13.53 1.53
CAK 3L8 N . -25.12 13.10 2.27
NAX 3L8 N . -25.51 13.93 3.38
CAM 3L8 N . -26.72 13.47 4.04
CAO 3L8 N . -26.94 12.01 4.32
PAZ 3L8 N . -28.50 11.74 5.24
OAD 3L8 N . -28.49 10.37 5.96
OAE 3L8 N . -29.70 11.81 4.27
OAB 3L8 N . -28.63 12.85 6.25
CAL 3L8 N . -24.41 13.98 4.35
CAN 3L8 N . -24.27 15.30 5.10
N9 3L8 N . -23.51 15.22 6.36
C4 3L8 N . -22.14 15.39 6.46
N3 3L8 N . -21.16 15.67 5.53
C2 3L8 N . -19.89 15.78 5.94
N1 3L8 N . -19.56 15.62 7.25
C6 3L8 N . -20.47 15.35 8.21
O6 3L8 N . -20.12 15.20 9.52
C5 3L8 N . -21.83 15.23 7.80
N7 3L8 N . -23.01 14.95 8.47
C8 3L8 N . -24.02 14.96 7.57
MG MG O . -22.76 10.98 0.80
MG MG P . -21.54 17.02 0.76
#